data_9DTT
#
_entry.id   9DTT
#
_cell.length_a   1.00
_cell.length_b   1.00
_cell.length_c   1.00
_cell.angle_alpha   90.00
_cell.angle_beta   90.00
_cell.angle_gamma   90.00
#
_symmetry.space_group_name_H-M   'P 1'
#
loop_
_entity.id
_entity.type
_entity.pdbx_description
1 polymer 'RNA-directed RNA polymerase NS5'
2 polymer 'stem loop A'
3 non-polymer 'ZINC ION'
#
loop_
_entity_poly.entity_id
_entity_poly.type
_entity_poly.pdbx_seq_one_letter_code
_entity_poly.pdbx_strand_id
1 'polypeptide(L)'
;MGSSHHHHHHSSGENLYFQGGTGNIGETLGEKWKSRLNALGKSEFQIYKKSGIQEVDRTLAKEGIKRGETDHHAVSRGSA
KLRWFVERNMVTPEGKVVDLGCGRGGWSYYCGGLKNVREVKGLTKGGPGHEEPIPMSTYGWNLVRLQSGVDVFFTPPEKC
DTLLCDIGESSPNPTVEAGRTLRVLNLVENWLNNNTQFCIKVLNPYMPSVIEKMEALQRKYGGALVRNPLSRNSTHEMYW
VSNASGNIVSSVNMISRMLINRFTMRHKKATYEPDVDLGSGTRNIGIESEIPNLDIIGKRIEKIKQEHETSWHYDQDHPY
KTWAYHGSYETKQTGSASSMVNGVVRLLTKPWDVVPMVTQMAMTDTTPFGQQRVFKEKVDTRTQEPKEGTKKLMKITAEW
LWKELGKKKTPRMCTREEFTRKVRSNAALGAIFTDENKWKSAREAVEDSRFWELVDKERNLHLEGKCETCVYNMMGKREK
KLGEFGKAKGSRAIWYMWLGARFLEFEALGFLNEDHWFSRENSLSGVEGEGLHKLGYILRDVSKKEGGAMYADDTAGWDT
RITLEDLKNEEMVTNHMEGEHKKLAEAIFKLTYQNKVVRVQRPTPRGTVMDIISRRDQRGSGQVGTYGLNTFTNMEAQLI
RQMEGEGVFKSIQHLTVTEEIAVQNWLARVGRERLSRMAISGDDCVVKPLDDRFASALTALNDMGKVRKDIQQWEPSRGW
NDWTQVPFCSHHFHELIMKDGRVLVVPCRNQDELIGRARISQGAGWSLRETACLGKSYAQMWSLMYFHRRDLRLAANAIC
SAVPSHWVPTSRTTWSIHAKHEWMTTEDMLTVWNRVWIQENPWMEDKTPVESWEEIPYLGKREDQWCGSLIGLTSRATWA
KNIQTAINQVRSLIGNEEYTDYMPSMKRFRREEEEAGVLW
;
A
2 'polyribonucleotide' AGUUGUUAGUCUACGUGGACCGACAAAGACAGAUUCUUUGAGGGAGCUAAGCUCAACGUAGUUCUAACAG B
#
# COMPACT_ATOMS: atom_id res chain seq x y z
N LEU A 29 43.34 17.59 -5.03
CA LEU A 29 42.57 16.72 -5.90
C LEU A 29 41.13 17.22 -6.05
N GLY A 30 40.46 17.41 -4.92
CA GLY A 30 39.09 17.86 -4.91
C GLY A 30 38.90 19.37 -4.98
N GLU A 31 39.99 20.14 -4.93
CA GLU A 31 39.86 21.60 -4.97
C GLU A 31 39.40 22.08 -6.33
N LYS A 32 39.83 21.41 -7.41
CA LYS A 32 39.30 21.72 -8.74
C LYS A 32 37.80 21.45 -8.79
N TRP A 33 37.36 20.33 -8.20
CA TRP A 33 35.95 19.99 -8.19
C TRP A 33 35.14 21.04 -7.42
N LYS A 34 35.63 21.47 -6.26
CA LYS A 34 34.93 22.50 -5.50
C LYS A 34 34.90 23.82 -6.25
N SER A 35 36.03 24.20 -6.88
CA SER A 35 36.07 25.46 -7.61
C SER A 35 35.09 25.46 -8.77
N ARG A 36 34.99 24.35 -9.51
CA ARG A 36 34.04 24.29 -10.61
C ARG A 36 32.61 24.11 -10.13
N LEU A 37 32.42 23.60 -8.90
CA LEU A 37 31.06 23.45 -8.37
C LEU A 37 30.39 24.81 -8.19
N ASN A 38 31.12 25.79 -7.67
CA ASN A 38 30.59 27.14 -7.54
C ASN A 38 30.77 27.96 -8.81
N ALA A 39 31.43 27.43 -9.82
CA ALA A 39 31.56 28.07 -11.12
C ALA A 39 30.42 27.74 -12.06
N LEU A 40 29.47 26.92 -11.62
CA LEU A 40 28.30 26.60 -12.42
C LEU A 40 27.22 27.65 -12.23
N GLY A 41 26.45 27.89 -13.29
CA GLY A 41 25.33 28.79 -13.20
C GLY A 41 24.27 28.28 -12.25
N LYS A 42 23.55 29.23 -11.62
CA LYS A 42 22.56 28.86 -10.62
C LYS A 42 21.42 28.05 -11.22
N SER A 43 20.97 28.43 -12.42
CA SER A 43 19.94 27.66 -13.10
C SER A 43 20.43 26.25 -13.41
N GLU A 44 21.64 26.14 -13.97
CA GLU A 44 22.22 24.82 -14.22
C GLU A 44 22.47 24.08 -12.92
N PHE A 45 22.78 24.81 -11.84
CA PHE A 45 22.95 24.16 -10.54
C PHE A 45 21.64 23.51 -10.07
N GLN A 46 20.52 24.23 -10.21
CA GLN A 46 19.23 23.68 -9.81
C GLN A 46 18.81 22.54 -10.73
N ILE A 47 19.19 22.60 -12.01
CA ILE A 47 18.88 21.48 -12.91
C ILE A 47 19.72 20.25 -12.55
N TYR A 48 21.00 20.47 -12.23
CA TYR A 48 21.92 19.37 -11.97
C TYR A 48 21.70 18.70 -10.63
N LYS A 49 21.22 19.44 -9.63
CA LYS A 49 21.01 18.84 -8.32
C LYS A 49 19.98 17.72 -8.35
N LYS A 50 18.96 17.84 -9.20
CA LYS A 50 17.95 16.81 -9.32
C LYS A 50 17.94 16.20 -10.72
N GLY A 52 21.54 13.05 -12.81
CA GLY A 52 20.50 12.10 -12.43
C GLY A 52 20.90 11.23 -11.26
N ILE A 53 20.08 11.23 -10.21
CA ILE A 53 20.35 10.44 -9.01
C ILE A 53 19.07 9.74 -8.57
N GLN A 54 19.14 9.04 -7.44
CA GLN A 54 17.97 8.42 -6.82
C GLN A 54 17.40 9.41 -5.80
N GLU A 55 16.52 10.28 -6.27
CA GLU A 55 15.87 11.25 -5.40
C GLU A 55 14.51 10.71 -4.97
N VAL A 56 14.24 10.78 -3.66
CA VAL A 56 12.95 10.34 -3.16
C VAL A 56 11.91 11.41 -3.43
N ASP A 57 10.65 10.98 -3.52
CA ASP A 57 9.57 11.88 -3.90
C ASP A 57 9.32 12.93 -2.82
N ARG A 58 9.05 14.16 -3.27
CA ARG A 58 8.70 15.26 -2.40
C ARG A 58 7.38 15.93 -2.76
N THR A 59 6.63 15.37 -3.72
CA THR A 59 5.37 15.98 -4.12
C THR A 59 4.37 15.97 -2.97
N LEU A 60 4.27 14.85 -2.25
CA LEU A 60 3.37 14.77 -1.11
C LEU A 60 3.91 15.51 0.11
N ALA A 61 5.23 15.74 0.18
CA ALA A 61 5.79 16.51 1.29
C ALA A 61 5.28 17.94 1.28
N LYS A 62 5.16 18.53 0.09
CA LYS A 62 4.62 19.88 -0.01
C LYS A 62 3.18 19.94 0.50
N GLU A 63 2.37 18.95 0.15
CA GLU A 63 1.01 18.87 0.67
C GLU A 63 1.01 18.70 2.18
N GLY A 64 1.91 17.84 2.69
CA GLY A 64 1.99 17.64 4.13
C GLY A 64 2.32 18.90 4.89
N ILE A 65 3.24 19.71 4.34
CA ILE A 65 3.55 21.00 4.96
C ILE A 65 2.36 21.94 4.84
N LYS A 66 1.79 22.05 3.64
CA LYS A 66 0.74 23.05 3.40
C LYS A 66 -0.57 22.69 4.07
N ARG A 67 -1.03 21.44 3.89
CA ARG A 67 -2.27 21.00 4.49
C ARG A 67 -2.14 20.75 5.99
N GLY A 68 -0.92 20.71 6.52
CA GLY A 68 -0.73 20.60 7.94
C GLY A 68 -0.60 19.20 8.50
N GLU A 69 -0.30 18.22 7.65
CA GLU A 69 -0.02 16.88 8.15
C GLU A 69 1.28 16.89 8.94
N THR A 70 1.23 16.36 10.16
CA THR A 70 2.36 16.37 11.07
C THR A 70 2.96 14.98 11.28
N ASP A 71 2.63 14.02 10.42
CA ASP A 71 3.11 12.65 10.55
C ASP A 71 3.31 12.07 9.16
N HIS A 72 3.51 10.75 9.12
CA HIS A 72 3.62 9.97 7.88
C HIS A 72 4.88 10.43 7.13
N HIS A 73 4.81 10.64 5.81
CA HIS A 73 5.99 10.95 5.02
C HIS A 73 6.60 12.27 5.48
N ALA A 74 7.93 12.28 5.61
CA ALA A 74 8.66 13.44 6.09
C ALA A 74 8.99 14.38 4.93
N VAL A 75 9.80 15.40 5.23
CA VAL A 75 10.17 16.40 4.24
C VAL A 75 11.68 16.57 4.11
N SER A 76 12.47 16.18 5.09
CA SER A 76 13.91 16.36 5.04
C SER A 76 14.55 15.35 4.11
N ARG A 77 15.57 15.79 3.38
CA ARG A 77 16.28 14.89 2.47
C ARG A 77 17.25 13.97 3.22
N GLY A 78 17.61 14.31 4.46
CA GLY A 78 18.45 13.43 5.24
C GLY A 78 17.75 12.19 5.76
N SER A 79 16.42 12.20 5.79
CA SER A 79 15.67 11.04 6.27
C SER A 79 15.90 9.83 5.37
N ALA A 80 15.93 10.04 4.06
CA ALA A 80 16.20 8.93 3.14
C ALA A 80 17.60 8.39 3.35
N LYS A 81 18.57 9.27 3.57
CA LYS A 81 19.94 8.82 3.83
C LYS A 81 20.02 8.00 5.11
N LEU A 82 19.34 8.45 6.16
CA LEU A 82 19.33 7.70 7.41
C LEU A 82 18.65 6.36 7.24
N ARG A 83 17.57 6.31 6.48
CA ARG A 83 16.90 5.04 6.22
C ARG A 83 17.84 4.08 5.48
N TRP A 84 18.55 4.58 4.48
CA TRP A 84 19.47 3.73 3.72
C TRP A 84 20.58 3.21 4.62
N PHE A 85 21.14 4.07 5.48
CA PHE A 85 22.25 3.64 6.32
C PHE A 85 21.79 2.66 7.40
N VAL A 86 20.60 2.86 7.96
CA VAL A 86 20.18 2.10 9.13
C VAL A 86 19.94 0.64 8.77
N GLU A 87 19.21 0.38 7.69
CA GLU A 87 18.76 -0.98 7.40
C GLU A 87 19.92 -1.92 7.08
N ARG A 88 21.07 -1.40 6.68
CA ARG A 88 22.25 -2.21 6.44
C ARG A 88 23.20 -2.24 7.64
N ASN A 89 22.79 -1.64 8.75
CA ASN A 89 23.58 -1.60 9.98
C ASN A 89 24.96 -0.98 9.75
N MET A 90 25.00 0.07 8.92
CA MET A 90 26.17 0.94 8.92
C MET A 90 26.31 1.68 10.25
N VAL A 91 25.19 1.87 10.95
CA VAL A 91 25.18 2.42 12.30
C VAL A 91 24.24 1.55 13.13
N THR A 92 24.44 1.59 14.45
CA THR A 92 23.61 0.86 15.41
C THR A 92 23.07 1.87 16.40
N PRO A 93 22.00 2.59 16.05
CA PRO A 93 21.46 3.61 16.96
C PRO A 93 20.64 3.00 18.09
N GLU A 94 21.22 2.96 19.28
CA GLU A 94 20.54 2.46 20.47
C GLU A 94 21.07 3.24 21.68
N GLY A 95 20.29 3.20 22.76
CA GLY A 95 20.71 3.88 23.97
C GLY A 95 20.47 5.37 23.87
N LYS A 96 21.50 6.15 24.17
CA LYS A 96 21.41 7.60 24.21
C LYS A 96 21.73 8.20 22.84
N VAL A 97 20.95 9.21 22.46
CA VAL A 97 21.07 9.84 21.15
C VAL A 97 21.31 11.33 21.36
N VAL A 98 22.36 11.85 20.72
CA VAL A 98 22.63 13.27 20.68
C VAL A 98 22.64 13.71 19.22
N ASP A 99 21.79 14.67 18.88
CA ASP A 99 21.66 15.18 17.53
C ASP A 99 22.27 16.56 17.45
N LEU A 100 22.87 16.87 16.29
CA LEU A 100 23.53 18.14 16.05
C LEU A 100 22.79 18.81 14.89
N GLY A 101 21.69 19.49 15.22
CA GLY A 101 20.84 20.07 14.20
C GLY A 101 19.82 19.09 13.66
N CYS A 102 18.54 19.48 13.71
CA CYS A 102 17.47 18.61 13.23
C CYS A 102 16.89 19.06 11.89
N GLY A 103 17.30 20.21 11.37
CA GLY A 103 16.71 20.73 10.15
C GLY A 103 15.25 21.03 10.36
N ARG A 104 14.38 20.22 9.76
CA ARG A 104 12.96 20.25 10.03
C ARG A 104 12.53 19.15 11.01
N GLY A 105 13.49 18.46 11.61
CA GLY A 105 13.20 17.35 12.50
C GLY A 105 13.35 15.97 11.90
N GLY A 106 14.02 15.86 10.75
CA GLY A 106 14.09 14.58 10.07
C GLY A 106 14.84 13.53 10.85
N TRP A 107 16.06 13.86 11.29
CA TRP A 107 16.88 12.86 11.98
C TRP A 107 16.35 12.56 13.37
N SER A 108 15.87 13.58 14.08
CA SER A 108 15.38 13.38 15.45
C SER A 108 14.13 12.52 15.47
N TYR A 109 13.14 12.86 14.64
CA TYR A 109 11.87 12.15 14.69
C TYR A 109 11.96 10.76 14.06
N TYR A 110 12.85 10.58 13.08
CA TYR A 110 13.03 9.26 12.49
C TYR A 110 13.54 8.26 13.52
N CYS A 111 14.50 8.67 14.34
CA CYS A 111 15.06 7.81 15.37
C CYS A 111 14.31 7.90 16.70
N GLY A 112 13.33 8.79 16.82
CA GLY A 112 12.56 8.87 18.05
C GLY A 112 11.63 7.70 18.27
N GLY A 113 11.25 6.99 17.21
CA GLY A 113 10.36 5.86 17.29
C GLY A 113 11.01 4.49 17.26
N LEU A 114 12.33 4.42 17.20
CA LEU A 114 13.00 3.14 17.14
C LEU A 114 12.86 2.39 18.48
N LYS A 115 13.10 1.09 18.42
CA LYS A 115 12.74 0.21 19.53
C LYS A 115 13.59 0.48 20.78
N ASN A 116 14.87 0.74 20.61
CA ASN A 116 15.79 0.81 21.75
C ASN A 116 16.40 2.19 21.95
N VAL A 117 15.95 3.22 21.23
CA VAL A 117 16.42 4.57 21.44
C VAL A 117 15.77 5.08 22.73
N ARG A 118 16.54 5.15 23.81
CA ARG A 118 15.98 5.50 25.10
C ARG A 118 15.66 6.99 25.21
N GLU A 119 16.55 7.85 24.73
CA GLU A 119 16.38 9.29 24.86
C GLU A 119 16.80 9.99 23.57
N VAL A 120 16.05 11.02 23.20
CA VAL A 120 16.36 11.85 22.04
C VAL A 120 16.53 13.28 22.52
N LYS A 121 17.72 13.83 22.30
CA LYS A 121 18.05 15.19 22.72
C LYS A 121 18.44 15.99 21.49
N GLY A 122 17.76 17.10 21.26
CA GLY A 122 17.98 17.92 20.08
C GLY A 122 18.26 19.36 20.46
N LEU A 123 19.28 19.94 19.83
CA LEU A 123 19.70 21.32 20.07
C LEU A 123 19.86 21.99 18.72
N THR A 124 18.86 22.81 18.35
CA THR A 124 18.86 23.51 17.08
C THR A 124 19.55 24.85 17.23
N LYS A 125 20.37 25.21 16.24
CA LYS A 125 21.09 26.48 16.29
C LYS A 125 20.12 27.65 16.34
N GLY A 126 19.07 27.61 15.52
CA GLY A 126 18.05 28.63 15.59
C GLY A 126 18.54 30.00 15.13
N GLY A 127 17.74 31.01 15.47
CA GLY A 127 18.04 32.37 15.11
C GLY A 127 17.61 32.71 13.70
N PRO A 128 17.74 33.98 13.31
CA PRO A 128 17.39 34.36 11.94
C PRO A 128 18.41 33.85 10.93
N GLY A 129 17.90 33.39 9.79
CA GLY A 129 18.74 32.92 8.71
C GLY A 129 19.07 31.45 8.73
N HIS A 130 18.72 30.74 9.79
CA HIS A 130 19.01 29.32 9.91
C HIS A 130 17.73 28.50 9.71
N GLU A 131 17.92 27.23 9.32
CA GLU A 131 16.80 26.34 9.14
C GLU A 131 16.21 25.95 10.49
N GLU A 132 14.89 26.04 10.61
CA GLU A 132 14.17 25.89 11.86
C GLU A 132 13.18 24.75 11.78
N PRO A 133 13.21 23.80 12.72
CA PRO A 133 12.25 22.70 12.70
C PRO A 133 10.81 23.18 12.84
N ILE A 134 9.90 22.50 12.17
CA ILE A 134 8.47 22.73 12.29
C ILE A 134 7.89 21.63 13.19
N PRO A 135 7.16 21.97 14.25
CA PRO A 135 6.62 20.94 15.14
C PRO A 135 5.72 19.97 14.40
N MET A 136 5.83 18.69 14.76
CA MET A 136 5.09 17.63 14.10
C MET A 136 4.56 16.67 15.16
N SER A 137 3.88 15.61 14.68
CA SER A 137 3.33 14.58 15.55
C SER A 137 3.61 13.21 14.95
N THR A 138 4.84 13.01 14.47
CA THR A 138 5.23 11.74 13.85
C THR A 138 5.21 10.60 14.85
N TRP A 141 7.73 11.10 19.58
CA TRP A 141 8.18 12.39 20.09
C TRP A 141 8.07 12.44 21.60
N ASN A 142 7.58 11.35 22.19
CA ASN A 142 7.42 11.31 23.65
C ASN A 142 8.75 11.44 24.36
N LEU A 143 9.78 10.76 23.87
CA LEU A 143 11.12 10.83 24.43
C LEU A 143 12.04 11.74 23.61
N VAL A 144 11.47 12.66 22.84
CA VAL A 144 12.23 13.62 22.05
C VAL A 144 12.10 14.98 22.72
N ARG A 145 13.22 15.55 23.14
CA ARG A 145 13.25 16.87 23.77
C ARG A 145 14.11 17.79 22.92
N LEU A 146 13.50 18.89 22.46
CA LEU A 146 14.17 19.85 21.58
C LEU A 146 14.31 21.18 22.31
N GLN A 147 15.53 21.73 22.31
CA GLN A 147 15.81 23.04 22.89
C GLN A 147 16.27 23.94 21.75
N SER A 148 15.32 24.56 21.07
CA SER A 148 15.63 25.40 19.92
C SER A 148 16.37 26.67 20.35
N GLY A 149 17.25 27.15 19.47
CA GLY A 149 17.95 28.39 19.70
C GLY A 149 19.28 28.27 20.41
N VAL A 150 19.84 27.07 20.50
CA VAL A 150 21.11 26.85 21.20
C VAL A 150 22.08 26.19 20.24
N ASP A 151 23.25 26.80 20.08
CA ASP A 151 24.31 26.19 19.28
C ASP A 151 24.91 25.00 20.02
N VAL A 152 25.49 24.08 19.26
CA VAL A 152 26.12 22.90 19.86
C VAL A 152 27.44 23.25 20.53
N PHE A 153 28.01 24.42 20.25
CA PHE A 153 29.26 24.82 20.88
C PHE A 153 29.06 25.41 22.26
N PHE A 154 27.83 25.76 22.63
CA PHE A 154 27.57 26.24 23.98
C PHE A 154 27.62 25.11 25.00
N THR A 155 27.54 23.88 24.54
CA THR A 155 27.49 22.73 25.43
C THR A 155 28.90 22.23 25.73
N PRO A 156 29.23 22.00 27.00
CA PRO A 156 30.55 21.43 27.34
C PRO A 156 30.69 20.03 26.79
N PRO A 157 31.91 19.49 26.73
CA PRO A 157 32.10 18.13 26.17
C PRO A 157 31.37 17.08 27.00
N GLU A 158 30.47 16.36 26.35
CA GLU A 158 29.71 15.28 26.96
C GLU A 158 29.77 14.05 26.08
N LYS A 159 29.80 12.88 26.71
CA LYS A 159 29.82 11.61 25.99
C LYS A 159 28.41 11.10 25.79
N CYS A 160 28.16 10.50 24.63
CA CYS A 160 26.85 9.97 24.29
C CYS A 160 27.01 8.61 23.61
N ASP A 161 25.93 7.83 23.63
CA ASP A 161 25.96 6.51 23.00
C ASP A 161 26.06 6.63 21.48
N THR A 162 25.24 7.47 20.87
CA THR A 162 25.33 7.72 19.44
C THR A 162 25.08 9.19 19.15
N LEU A 163 25.91 9.76 18.29
CA LEU A 163 25.86 11.17 17.93
C LEU A 163 25.67 11.32 16.43
N LEU A 164 24.82 12.27 16.05
CA LEU A 164 24.51 12.55 14.66
C LEU A 164 24.88 13.99 14.35
N CYS A 165 25.51 14.22 13.21
CA CYS A 165 26.00 15.54 12.84
C CYS A 165 25.50 15.91 11.45
N ASP A 166 24.79 17.04 11.35
CA ASP A 166 24.16 17.49 10.13
C ASP A 166 24.49 18.95 9.79
N ILE A 167 24.64 19.80 10.82
CA ILE A 167 24.76 21.23 10.60
C ILE A 167 25.99 21.56 9.76
N GLY A 168 25.81 22.43 8.78
CA GLY A 168 26.89 22.90 7.94
C GLY A 168 26.42 23.90 6.90
N GLU A 169 27.27 24.87 6.58
CA GLU A 169 26.93 25.91 5.61
C GLU A 169 27.99 25.93 4.52
N SER A 170 27.55 25.78 3.26
CA SER A 170 28.47 25.88 2.13
C SER A 170 28.49 27.30 1.59
N SER A 171 29.69 27.75 1.26
CA SER A 171 29.91 29.12 0.80
C SER A 171 30.78 29.07 -0.45
N PRO A 172 30.73 30.10 -1.31
CA PRO A 172 31.59 30.14 -2.50
C PRO A 172 33.04 30.47 -2.17
N ASN A 173 33.57 29.83 -1.14
CA ASN A 173 34.96 29.89 -0.75
C ASN A 173 35.27 28.63 0.07
N PRO A 174 36.11 27.72 -0.45
CA PRO A 174 36.35 26.46 0.27
C PRO A 174 36.99 26.64 1.64
N THR A 175 37.75 27.72 1.84
CA THR A 175 38.45 27.90 3.11
C THR A 175 37.48 28.09 4.26
N VAL A 176 36.38 28.81 4.04
CA VAL A 176 35.45 29.09 5.13
C VAL A 176 34.74 27.82 5.58
N GLU A 177 34.25 27.01 4.63
CA GLU A 177 33.63 25.75 5.00
C GLU A 177 34.64 24.77 5.57
N ALA A 178 35.89 24.84 5.12
CA ALA A 178 36.94 24.05 5.74
C ALA A 178 37.14 24.43 7.20
N GLY A 179 37.10 25.74 7.49
CA GLY A 179 37.19 26.18 8.87
C GLY A 179 36.00 25.76 9.70
N ARG A 180 34.81 25.77 9.10
CA ARG A 180 33.62 25.27 9.79
C ARG A 180 33.79 23.80 10.15
N THR A 181 34.28 23.00 9.19
CA THR A 181 34.51 21.59 9.45
C THR A 181 35.56 21.42 10.55
N LEU A 182 36.62 22.23 10.51
CA LEU A 182 37.67 22.12 11.52
C LEU A 182 37.15 22.46 12.92
N ARG A 183 36.34 23.51 13.03
CA ARG A 183 35.79 23.87 14.34
C ARG A 183 34.84 22.80 14.86
N VAL A 184 34.00 22.24 13.98
CA VAL A 184 33.08 21.19 14.41
C VAL A 184 33.87 19.96 14.87
N LEU A 185 34.88 19.57 14.11
CA LEU A 185 35.68 18.39 14.48
C LEU A 185 36.44 18.64 15.78
N ASN A 186 36.98 19.84 15.98
CA ASN A 186 37.69 20.16 17.20
C ASN A 186 36.76 20.13 18.41
N LEU A 187 35.53 20.63 18.25
CA LEU A 187 34.57 20.56 19.35
C LEU A 187 34.21 19.11 19.66
N VAL A 188 33.85 18.34 18.64
CA VAL A 188 33.39 16.96 18.87
C VAL A 188 34.53 15.99 19.09
N GLU A 189 35.79 16.46 19.06
CA GLU A 189 36.92 15.55 19.22
C GLU A 189 36.94 14.92 20.60
N ASN A 190 36.60 15.70 21.63
CA ASN A 190 36.51 15.14 22.98
C ASN A 190 35.23 14.34 23.20
N TRP A 191 34.28 14.40 22.26
CA TRP A 191 32.97 13.78 22.45
C TRP A 191 32.96 12.32 22.07
N LEU A 192 33.66 11.93 21.01
CA LEU A 192 33.57 10.56 20.53
C LEU A 192 34.52 9.64 21.28
N ASN A 193 34.17 8.36 21.29
CA ASN A 193 35.03 7.31 21.83
C ASN A 193 34.76 6.03 21.04
N ASN A 194 35.41 4.94 21.47
CA ASN A 194 35.17 3.64 20.83
C ASN A 194 33.74 3.17 21.05
N ASN A 195 33.22 3.35 22.26
CA ASN A 195 31.87 2.89 22.56
C ASN A 195 30.82 3.71 21.83
N THR A 196 31.14 4.94 21.44
CA THR A 196 30.15 5.86 20.89
C THR A 196 29.88 5.56 19.42
N GLN A 197 28.61 5.31 19.09
CA GLN A 197 28.17 5.25 17.71
C GLN A 197 28.01 6.67 17.16
N PHE A 198 28.16 6.80 15.84
CA PHE A 198 28.15 8.12 15.23
C PHE A 198 27.78 8.05 13.76
N CYS A 199 27.04 9.06 13.31
CA CYS A 199 26.81 9.32 11.89
C CYS A 199 27.00 10.81 11.66
N ILE A 200 28.13 11.18 11.05
CA ILE A 200 28.46 12.57 10.76
C ILE A 200 28.45 12.76 9.25
N LYS A 201 27.69 13.75 8.77
CA LYS A 201 27.69 14.11 7.35
C LYS A 201 28.78 15.14 7.13
N VAL A 202 29.92 14.67 6.63
CA VAL A 202 31.06 15.55 6.39
C VAL A 202 30.80 16.38 5.14
N LEU A 203 30.97 17.69 5.28
CA LEU A 203 30.71 18.64 4.21
C LEU A 203 31.97 19.08 3.47
N ASN A 204 33.14 18.99 4.12
CA ASN A 204 34.42 19.32 3.50
C ASN A 204 35.36 18.14 3.69
N PRO A 205 35.22 17.10 2.87
CA PRO A 205 36.07 15.91 3.00
C PRO A 205 37.32 15.91 2.11
N TYR A 206 37.62 17.00 1.41
CA TYR A 206 38.74 17.03 0.48
C TYR A 206 39.68 18.20 0.75
N MET A 207 40.06 18.41 2.01
CA MET A 207 41.09 19.36 2.34
C MET A 207 42.12 18.70 3.25
N PRO A 208 43.40 19.08 3.12
CA PRO A 208 44.46 18.30 3.79
C PRO A 208 44.35 18.20 5.30
N SER A 209 43.97 19.29 5.99
CA SER A 209 43.96 19.25 7.45
C SER A 209 42.80 18.41 7.98
N VAL A 210 41.60 18.59 7.43
CA VAL A 210 40.46 17.78 7.85
C VAL A 210 40.71 16.31 7.52
N ILE A 211 41.27 16.03 6.34
CA ILE A 211 41.58 14.65 5.97
C ILE A 211 42.62 14.06 6.94
N GLU A 212 43.63 14.85 7.31
CA GLU A 212 44.63 14.36 8.24
C GLU A 212 44.02 14.05 9.61
N LYS A 213 43.16 14.93 10.10
CA LYS A 213 42.53 14.68 11.39
C LYS A 213 41.61 13.47 11.34
N MET A 214 40.86 13.31 10.23
CA MET A 214 40.01 12.14 10.07
C MET A 214 40.83 10.86 10.00
N GLU A 215 41.99 10.91 9.34
CA GLU A 215 42.88 9.76 9.31
C GLU A 215 43.39 9.43 10.71
N ALA A 216 43.73 10.44 11.50
CA ALA A 216 44.16 10.21 12.87
C ALA A 216 43.05 9.56 13.69
N LEU A 217 41.82 10.04 13.52
CA LEU A 217 40.69 9.48 14.27
C LEU A 217 40.39 8.04 13.85
N GLN A 218 40.39 7.77 12.54
CA GLN A 218 40.00 6.45 12.05
C GLN A 218 41.02 5.37 12.42
N ARG A 219 42.26 5.75 12.73
CA ARG A 219 43.26 4.78 13.14
C ARG A 219 43.08 4.32 14.58
N LYS A 220 42.21 4.96 15.35
CA LYS A 220 41.99 4.63 16.75
C LYS A 220 40.59 4.11 17.03
N TYR A 221 39.56 4.83 16.58
CA TYR A 221 38.18 4.50 16.91
C TYR A 221 37.51 3.61 15.86
N GLY A 222 37.69 3.93 14.59
CA GLY A 222 37.04 3.22 13.51
C GLY A 222 36.00 4.09 12.81
N GLY A 223 35.60 3.62 11.63
CA GLY A 223 34.69 4.34 10.78
C GLY A 223 35.37 4.80 9.49
N ALA A 224 34.55 4.96 8.45
CA ALA A 224 35.08 5.26 7.14
C ALA A 224 34.15 6.23 6.41
N LEU A 225 34.70 6.90 5.40
CA LEU A 225 33.97 7.90 4.63
C LEU A 225 33.36 7.22 3.40
N VAL A 226 32.02 7.23 3.34
CA VAL A 226 31.28 6.59 2.25
C VAL A 226 30.23 7.58 1.75
N ARG A 227 29.98 7.56 0.45
CA ARG A 227 28.92 8.36 -0.13
C ARG A 227 27.64 7.55 -0.20
N ASN A 228 26.58 8.06 0.40
CA ASN A 228 25.27 7.42 0.31
C ASN A 228 24.70 7.67 -1.08
N PRO A 229 24.30 6.62 -1.81
CA PRO A 229 23.66 6.84 -3.11
C PRO A 229 22.39 7.65 -3.04
N LEU A 230 21.72 7.68 -1.89
CA LEU A 230 20.54 8.52 -1.72
C LEU A 230 20.89 9.97 -1.40
N SER A 231 22.15 10.28 -1.12
CA SER A 231 22.55 11.67 -0.92
C SER A 231 22.52 12.41 -2.25
N ARG A 232 22.06 13.66 -2.21
CA ARG A 232 21.99 14.46 -3.42
C ARG A 232 23.36 15.00 -3.79
N ASN A 233 23.49 15.42 -5.05
CA ASN A 233 24.76 15.91 -5.58
C ASN A 233 24.93 17.41 -5.39
N SER A 234 24.34 17.98 -4.35
CA SER A 234 24.56 19.40 -4.07
C SER A 234 26.04 19.69 -3.87
N THR A 235 26.74 18.83 -3.13
CA THR A 235 28.18 18.94 -2.97
C THR A 235 28.71 17.55 -2.59
N HIS A 236 29.96 17.50 -2.14
CA HIS A 236 30.64 16.24 -1.82
C HIS A 236 30.33 15.79 -0.39
N GLU A 237 29.03 15.71 -0.06
CA GLU A 237 28.62 15.30 1.27
C GLU A 237 28.91 13.83 1.47
N MET A 238 29.82 13.52 2.39
CA MET A 238 30.18 12.14 2.71
C MET A 238 29.59 11.79 4.07
N TYR A 239 29.64 10.51 4.42
CA TYR A 239 29.18 10.05 5.73
C TYR A 239 30.29 9.26 6.39
N TRP A 240 30.59 9.61 7.63
CA TRP A 240 31.64 8.94 8.40
C TRP A 240 30.97 7.87 9.26
N VAL A 241 30.95 6.64 8.75
CA VAL A 241 30.24 5.51 9.33
C VAL A 241 31.11 4.84 10.38
N SER A 242 30.46 4.09 11.29
CA SER A 242 31.14 3.45 12.41
C SER A 242 31.16 1.93 12.36
N ASN A 243 30.36 1.29 11.51
CA ASN A 243 30.37 -0.17 11.40
C ASN A 243 31.32 -0.63 10.29
N ALA A 244 32.54 -0.12 10.35
CA ALA A 244 33.60 -0.44 9.39
C ALA A 244 34.89 0.17 9.88
N SER A 245 35.99 -0.30 9.29
CA SER A 245 37.32 0.22 9.62
C SER A 245 38.21 0.37 8.39
N GLY A 246 37.65 0.32 7.18
CA GLY A 246 38.47 0.40 5.99
C GLY A 246 39.01 1.79 5.72
N ASN A 247 40.08 1.85 4.94
CA ASN A 247 40.70 3.11 4.56
C ASN A 247 39.84 3.82 3.53
N ILE A 248 39.66 5.12 3.71
CA ILE A 248 38.71 5.91 2.92
C ILE A 248 39.31 6.31 1.57
N VAL A 249 40.55 5.89 1.30
CA VAL A 249 41.25 6.37 0.11
C VAL A 249 40.53 5.92 -1.16
N SER A 250 40.15 4.64 -1.22
CA SER A 250 39.49 4.12 -2.41
C SER A 250 38.14 4.79 -2.64
N SER A 251 37.37 4.97 -1.57
CA SER A 251 36.07 5.62 -1.70
C SER A 251 36.23 7.06 -2.17
N VAL A 252 37.20 7.78 -1.60
CA VAL A 252 37.43 9.16 -2.00
C VAL A 252 37.79 9.24 -3.48
N ASN A 253 38.70 8.38 -3.92
CA ASN A 253 39.10 8.40 -5.33
C ASN A 253 37.93 8.06 -6.25
N MET A 254 37.14 7.04 -5.88
CA MET A 254 36.03 6.63 -6.72
C MET A 254 34.98 7.72 -6.83
N ILE A 255 34.59 8.32 -5.70
CA ILE A 255 33.55 9.34 -5.73
C ILE A 255 34.05 10.60 -6.43
N SER A 256 35.33 10.95 -6.24
CA SER A 256 35.89 12.09 -6.95
C SER A 256 35.87 11.87 -8.45
N ARG A 257 36.27 10.67 -8.91
CA ARG A 257 36.24 10.39 -10.34
C ARG A 257 34.81 10.42 -10.88
N MET A 258 33.86 9.84 -10.15
CA MET A 258 32.48 9.80 -10.61
C MET A 258 31.89 11.20 -10.70
N LEU A 259 32.16 12.06 -9.72
CA LEU A 259 31.65 13.42 -9.76
C LEU A 259 32.39 14.29 -10.76
N ILE A 260 33.63 13.95 -11.11
CA ILE A 260 34.31 14.61 -12.20
C ILE A 260 33.63 14.28 -13.52
N ASN A 261 33.31 13.00 -13.74
CA ASN A 261 32.70 12.60 -15.00
C ASN A 261 31.19 12.80 -15.04
N ARG A 262 30.57 13.24 -13.93
CA ARG A 262 29.13 13.49 -13.92
C ARG A 262 28.75 14.81 -14.60
N PHE A 263 29.70 15.73 -14.80
CA PHE A 263 29.37 17.01 -15.39
C PHE A 263 28.96 16.86 -16.85
N THR A 264 29.75 16.12 -17.63
CA THR A 264 29.47 15.86 -19.04
C THR A 264 28.86 14.47 -19.23
N MET A 265 28.01 14.06 -18.30
CA MET A 265 27.41 12.73 -18.35
C MET A 265 26.56 12.56 -19.61
N ARG A 266 26.58 11.36 -20.17
CA ARG A 266 25.85 11.06 -21.40
C ARG A 266 24.38 10.78 -21.10
N LYS A 269 18.85 11.81 -16.02
CA LYS A 269 17.82 10.91 -15.49
C LYS A 269 17.05 11.57 -14.35
N ALA A 270 15.82 11.10 -14.11
CA ALA A 270 15.00 11.62 -13.03
C ALA A 270 14.08 10.49 -12.56
N THR A 271 14.49 9.82 -11.47
CA THR A 271 13.72 8.72 -10.91
C THR A 271 13.33 9.03 -9.47
N TYR A 272 12.17 8.52 -9.08
CA TYR A 272 11.65 8.70 -7.73
C TYR A 272 11.54 7.36 -7.02
N GLU A 273 12.04 7.30 -5.81
CA GLU A 273 11.92 6.21 -4.87
C GLU A 273 10.75 6.46 -3.93
N PRO A 274 10.11 5.42 -3.39
CA PRO A 274 8.99 5.64 -2.48
C PRO A 274 9.43 6.32 -1.20
N ASP A 275 8.52 7.14 -0.66
CA ASP A 275 8.79 7.84 0.59
C ASP A 275 8.56 6.91 1.77
N VAL A 276 9.52 6.86 2.69
CA VAL A 276 9.48 5.92 3.79
C VAL A 276 8.38 6.33 4.77
N ASP A 277 7.53 5.37 5.12
CA ASP A 277 6.50 5.61 6.13
C ASP A 277 7.12 5.83 7.49
N LEU A 278 6.54 6.75 8.26
CA LEU A 278 7.03 7.06 9.60
C LEU A 278 5.99 6.83 10.69
N GLY A 279 4.78 6.42 10.35
CA GLY A 279 3.78 6.18 11.35
C GLY A 279 3.31 7.46 12.03
N SER A 280 2.69 7.29 13.19
CA SER A 280 2.16 8.41 13.95
C SER A 280 1.98 7.97 15.40
N GLY A 281 1.78 8.96 16.27
CA GLY A 281 1.51 8.69 17.67
C GLY A 281 2.73 8.78 18.55
N THR A 282 2.52 8.41 19.82
CA THR A 282 3.56 8.42 20.83
C THR A 282 3.99 6.99 21.13
N ARG A 283 5.29 6.75 21.14
CA ARG A 283 5.81 5.42 21.40
C ARG A 283 5.56 5.03 22.85
N ASN A 284 5.13 3.79 23.06
CA ASN A 284 4.86 3.27 24.39
C ASN A 284 5.58 1.94 24.57
N ILE A 285 5.95 1.64 25.82
CA ILE A 285 6.74 0.46 26.14
C ILE A 285 5.84 -0.71 26.57
N GLY A 286 4.53 -0.54 26.53
CA GLY A 286 3.63 -1.60 26.96
C GLY A 286 3.32 -2.60 25.88
N ILE A 287 2.82 -2.11 24.73
CA ILE A 287 2.48 -2.99 23.62
C ILE A 287 3.69 -3.37 22.79
N GLU A 288 4.88 -2.86 23.11
CA GLU A 288 6.09 -3.22 22.39
C GLU A 288 6.31 -4.73 22.43
N SER A 289 6.44 -5.32 21.24
CA SER A 289 6.68 -6.76 21.06
C SER A 289 5.50 -7.61 21.50
N GLU A 290 5.33 -8.75 20.84
CA GLU A 290 4.28 -9.71 21.19
C GLU A 290 4.92 -10.99 21.67
N ILE A 291 4.50 -11.47 22.83
CA ILE A 291 5.08 -12.67 23.44
C ILE A 291 4.72 -13.89 22.58
N PRO A 292 5.70 -14.62 22.07
CA PRO A 292 5.42 -15.83 21.29
C PRO A 292 5.14 -17.02 22.19
N ASN A 293 3.89 -17.45 22.23
CA ASN A 293 3.52 -18.61 23.04
C ASN A 293 4.05 -19.88 22.39
N LEU A 294 4.65 -20.75 23.20
CA LEU A 294 5.42 -21.87 22.68
C LEU A 294 4.62 -23.16 22.56
N ASP A 295 3.61 -23.38 23.40
CA ASP A 295 2.85 -24.63 23.38
C ASP A 295 2.02 -24.80 22.12
N ILE A 296 2.03 -23.82 21.22
CA ILE A 296 1.31 -23.92 19.95
C ILE A 296 2.25 -24.01 18.76
N ILE A 297 3.42 -23.35 18.81
CA ILE A 297 4.33 -23.29 17.68
C ILE A 297 5.58 -24.12 17.89
N GLY A 298 5.69 -24.85 19.00
CA GLY A 298 6.89 -25.66 19.21
C GLY A 298 7.07 -26.72 18.14
N LYS A 299 6.00 -27.48 17.86
CA LYS A 299 6.09 -28.50 16.82
C LYS A 299 6.29 -27.88 15.44
N ARG A 300 5.69 -26.71 15.20
CA ARG A 300 5.84 -26.06 13.90
C ARG A 300 7.28 -25.61 13.69
N ILE A 301 7.91 -25.02 14.71
CA ILE A 301 9.30 -24.60 14.56
C ILE A 301 10.22 -25.80 14.48
N GLU A 302 9.90 -26.90 15.18
CA GLU A 302 10.68 -28.12 15.01
C GLU A 302 10.60 -28.62 13.58
N LYS A 303 9.40 -28.60 12.99
CA LYS A 303 9.25 -29.02 11.60
C LYS A 303 10.02 -28.10 10.66
N ILE A 304 9.98 -26.80 10.93
CA ILE A 304 10.72 -25.85 10.10
C ILE A 304 12.23 -26.11 10.19
N LYS A 305 12.73 -26.35 11.40
CA LYS A 305 14.15 -26.63 11.58
C LYS A 305 14.55 -27.93 10.90
N GLN A 306 13.66 -28.93 10.92
CA GLN A 306 13.98 -30.22 10.29
C GLN A 306 14.20 -30.10 8.79
N GLU A 307 13.76 -29.00 8.17
CA GLU A 307 13.93 -28.87 6.72
C GLU A 307 15.39 -28.66 6.34
N HIS A 308 16.15 -27.92 7.14
CA HIS A 308 17.56 -27.68 6.85
C HIS A 308 18.50 -28.39 7.82
N GLU A 309 18.38 -28.10 9.12
CA GLU A 309 19.20 -28.72 10.16
C GLU A 309 20.69 -28.49 9.96
N THR A 310 21.06 -27.70 8.96
CA THR A 310 22.46 -27.48 8.63
C THR A 310 22.73 -26.02 8.31
N TRP A 312 20.52 -23.77 9.06
CA TRP A 312 19.78 -23.21 10.17
C TRP A 312 20.66 -22.27 10.99
N TYR A 314 21.18 -18.81 14.37
CA TYR A 314 20.33 -17.65 14.18
C TYR A 314 21.10 -16.50 13.54
N ASP A 315 20.47 -15.32 13.50
CA ASP A 315 21.07 -14.14 12.91
C ASP A 315 20.86 -12.95 13.85
N GLN A 316 21.75 -11.96 13.72
CA GLN A 316 21.69 -10.74 14.53
C GLN A 316 21.61 -9.49 13.66
N ASP A 317 21.18 -9.62 12.41
CA ASP A 317 20.93 -8.48 11.54
C ASP A 317 19.44 -8.25 11.31
N HIS A 318 18.60 -8.77 12.19
CA HIS A 318 17.15 -8.64 12.03
C HIS A 318 16.70 -7.26 12.51
N PRO A 319 15.97 -6.52 11.69
CA PRO A 319 15.44 -5.21 12.12
C PRO A 319 14.09 -5.24 12.80
N TYR A 320 13.56 -6.44 13.11
CA TYR A 320 12.23 -6.54 13.68
C TYR A 320 12.20 -6.01 15.11
N LYS A 321 11.15 -5.25 15.41
CA LYS A 321 10.86 -4.85 16.78
C LYS A 321 9.50 -5.33 17.26
N THR A 322 8.69 -5.92 16.38
CA THR A 322 7.37 -6.42 16.73
C THR A 322 7.16 -7.88 16.29
N TRP A 323 8.17 -8.51 15.73
CA TRP A 323 8.08 -9.89 15.27
C TRP A 323 9.25 -10.67 15.86
N ALA A 324 8.97 -11.50 16.86
CA ALA A 324 10.02 -12.25 17.54
C ALA A 324 10.58 -13.32 16.63
N TYR A 325 11.87 -13.22 16.31
CA TYR A 325 12.53 -14.22 15.48
C TYR A 325 12.66 -15.53 16.23
N HIS A 326 12.60 -16.63 15.48
CA HIS A 326 12.79 -17.97 16.04
C HIS A 326 13.68 -18.87 15.22
N GLY A 327 13.99 -18.53 13.97
CA GLY A 327 14.87 -19.35 13.17
C GLY A 327 15.09 -18.71 11.82
N SER A 328 16.16 -19.16 11.16
CA SER A 328 16.53 -18.66 9.85
C SER A 328 17.29 -19.73 9.10
N TYR A 329 17.33 -19.59 7.78
CA TYR A 329 18.04 -20.53 6.92
C TYR A 329 18.43 -19.84 5.62
N GLU A 330 19.64 -20.13 5.14
CA GLU A 330 20.16 -19.48 3.94
C GLU A 330 19.42 -19.99 2.70
N THR A 331 19.05 -19.06 1.82
CA THR A 331 18.30 -19.37 0.62
C THR A 331 18.86 -18.56 -0.54
N LYS A 332 18.22 -18.67 -1.70
CA LYS A 332 18.61 -17.92 -2.88
C LYS A 332 18.22 -16.45 -2.76
N GLY A 335 15.19 -8.98 -4.90
CA GLY A 335 14.34 -8.53 -5.99
C GLY A 335 12.88 -8.38 -5.58
N SER A 336 12.11 -7.73 -6.46
CA SER A 336 10.69 -7.53 -6.20
C SER A 336 9.86 -8.06 -7.36
N ALA A 337 8.56 -7.75 -7.36
CA ALA A 337 7.67 -8.22 -8.43
C ALA A 337 8.08 -7.61 -9.76
N SER A 338 8.14 -8.46 -10.80
CA SER A 338 8.49 -8.01 -12.13
C SER A 338 7.27 -7.43 -12.84
N SER A 339 7.43 -6.25 -13.41
CA SER A 339 6.36 -5.56 -14.12
C SER A 339 6.54 -5.75 -15.62
N MET A 340 5.49 -6.25 -16.28
CA MET A 340 5.51 -6.51 -17.71
C MET A 340 4.71 -5.45 -18.44
N VAL A 341 5.28 -4.92 -19.52
CA VAL A 341 4.63 -3.88 -20.31
C VAL A 341 3.50 -4.51 -21.12
N ASN A 342 2.43 -3.74 -21.31
CA ASN A 342 1.28 -4.15 -22.13
C ASN A 342 1.50 -3.52 -23.51
N GLY A 343 2.13 -4.27 -24.41
CA GLY A 343 2.50 -3.71 -25.70
C GLY A 343 1.31 -3.35 -26.56
N VAL A 344 0.29 -4.20 -26.58
CA VAL A 344 -0.87 -3.98 -27.46
C VAL A 344 -1.54 -2.65 -27.12
N VAL A 345 -1.75 -2.40 -25.84
CA VAL A 345 -2.31 -1.12 -25.41
C VAL A 345 -1.33 0.01 -25.67
N ARG A 346 -0.03 -0.26 -25.48
CA ARG A 346 0.98 0.79 -25.59
C ARG A 346 1.07 1.36 -27.00
N LEU A 347 1.04 0.49 -28.01
CA LEU A 347 1.23 0.96 -29.40
C LEU A 347 0.12 1.92 -29.82
N LEU A 348 -1.11 1.68 -29.38
CA LEU A 348 -2.26 2.43 -29.83
C LEU A 348 -2.56 3.63 -28.95
N THR A 349 -1.69 3.93 -27.99
CA THR A 349 -1.82 5.07 -27.10
C THR A 349 -0.75 6.12 -27.37
N LYS A 350 -0.53 6.41 -28.66
CA LYS A 350 0.43 7.42 -29.07
C LYS A 350 0.24 8.78 -28.40
N PRO A 351 -0.98 9.32 -28.27
CA PRO A 351 -1.13 10.59 -27.53
C PRO A 351 -0.67 10.51 -26.09
N TRP A 352 -0.71 9.33 -25.48
CA TRP A 352 -0.24 9.14 -24.12
C TRP A 352 1.13 8.47 -24.07
N ASP A 353 1.90 8.56 -25.16
CA ASP A 353 3.24 8.00 -25.17
C ASP A 353 4.24 8.86 -24.39
N VAL A 354 3.92 10.13 -24.16
CA VAL A 354 4.85 11.04 -23.49
C VAL A 354 4.41 11.43 -22.09
N VAL A 355 3.20 11.09 -21.69
CA VAL A 355 2.76 11.42 -20.32
C VAL A 355 3.56 10.58 -19.33
N PRO A 356 4.19 11.19 -18.31
CA PRO A 356 5.06 10.40 -17.43
C PRO A 356 4.31 9.41 -16.56
N MET A 357 3.05 9.68 -16.21
CA MET A 357 2.33 8.80 -15.28
C MET A 357 2.11 7.42 -15.89
N VAL A 358 1.59 7.37 -17.12
CA VAL A 358 1.32 6.09 -17.77
C VAL A 358 2.60 5.30 -17.96
N THR A 359 3.66 5.99 -18.42
CA THR A 359 4.93 5.30 -18.65
C THR A 359 5.50 4.74 -17.34
N GLN A 360 5.51 5.55 -16.28
CA GLN A 360 6.08 5.08 -15.02
C GLN A 360 5.24 3.97 -14.41
N MET A 361 3.93 3.98 -14.64
CA MET A 361 3.09 2.87 -14.18
C MET A 361 3.22 1.65 -15.07
N ALA A 362 3.76 1.81 -16.29
CA ALA A 362 3.93 0.69 -17.21
C ALA A 362 5.38 0.21 -17.30
N MET A 363 6.35 1.07 -17.05
CA MET A 363 7.75 0.67 -17.17
C MET A 363 8.14 -0.28 -16.04
N THR A 364 9.27 -0.94 -16.23
CA THR A 364 9.76 -1.90 -15.25
C THR A 364 10.22 -1.19 -13.99
N ASP A 365 9.81 -1.73 -12.84
CA ASP A 365 10.22 -1.23 -11.53
C ASP A 365 10.72 -2.41 -10.71
N THR A 366 12.03 -2.65 -10.76
CA THR A 366 12.65 -3.77 -10.06
C THR A 366 13.72 -3.22 -9.12
N THR A 367 13.63 -3.59 -7.85
CA THR A 367 14.60 -3.23 -6.83
C THR A 367 14.87 -4.46 -5.96
N PRO A 368 16.09 -4.62 -5.45
CA PRO A 368 16.39 -5.77 -4.59
C PRO A 368 16.09 -5.55 -3.12
N PHE A 369 15.34 -4.50 -2.76
CA PHE A 369 15.03 -4.21 -1.38
C PHE A 369 13.56 -3.90 -1.14
N GLY A 370 12.74 -3.82 -2.19
CA GLY A 370 11.38 -3.30 -2.04
C GLY A 370 10.52 -4.14 -1.12
N GLN A 371 10.65 -5.46 -1.18
CA GLN A 371 9.82 -6.32 -0.35
C GLN A 371 10.08 -6.06 1.13
N GLN A 372 11.34 -6.09 1.55
CA GLN A 372 11.65 -5.82 2.95
C GLN A 372 11.43 -4.36 3.30
N ARG A 373 11.53 -3.46 2.31
CA ARG A 373 11.17 -2.06 2.56
C ARG A 373 9.72 -1.94 2.98
N VAL A 374 8.82 -2.56 2.22
CA VAL A 374 7.40 -2.54 2.58
C VAL A 374 7.17 -3.25 3.90
N PHE A 375 7.87 -4.37 4.10
CA PHE A 375 7.72 -5.14 5.34
C PHE A 375 8.06 -4.29 6.55
N LYS A 376 9.16 -3.54 6.50
CA LYS A 376 9.56 -2.74 7.64
C LYS A 376 8.73 -1.46 7.77
N GLU A 377 8.27 -0.88 6.66
CA GLU A 377 7.52 0.36 6.78
C GLU A 377 6.08 0.14 7.22
N LYS A 378 5.49 -1.02 6.91
CA LYS A 378 4.08 -1.13 7.29
C LYS A 378 3.78 -2.35 8.15
N VAL A 379 4.36 -3.50 7.85
CA VAL A 379 3.99 -4.73 8.55
C VAL A 379 4.73 -4.86 9.88
N ASP A 380 6.00 -4.45 9.92
CA ASP A 380 6.77 -4.52 11.16
C ASP A 380 6.27 -3.53 12.20
N THR A 381 5.46 -2.55 11.80
CA THR A 381 4.98 -1.54 12.73
C THR A 381 3.98 -2.13 13.71
N ARG A 382 4.06 -1.67 14.96
CA ARG A 382 3.12 -2.09 15.98
C ARG A 382 1.81 -1.31 15.86
N THR A 383 0.76 -1.87 16.45
CA THR A 383 -0.57 -1.27 16.44
C THR A 383 -0.96 -0.90 17.87
N GLN A 384 -1.39 0.34 18.06
CA GLN A 384 -1.93 0.75 19.35
C GLN A 384 -3.23 -0.01 19.61
N GLU A 385 -3.33 -0.65 20.75
CA GLU A 385 -4.53 -1.42 20.97
C GLU A 385 -5.64 -0.54 21.54
N PRO A 386 -6.90 -0.87 21.25
CA PRO A 386 -8.01 -0.07 21.80
C PRO A 386 -8.17 -0.27 23.30
N LYS A 387 -9.17 0.36 23.88
CA LYS A 387 -9.44 0.25 25.29
C LYS A 387 -10.69 -0.61 25.51
N GLU A 388 -11.10 -0.76 26.77
CA GLU A 388 -12.18 -1.69 27.10
C GLU A 388 -13.51 -1.26 26.48
N GLY A 389 -13.79 0.04 26.47
CA GLY A 389 -15.06 0.51 25.93
C GLY A 389 -15.20 0.22 24.44
N THR A 390 -14.16 0.53 23.67
CA THR A 390 -14.23 0.32 22.23
C THR A 390 -14.32 -1.16 21.89
N LYS A 391 -13.52 -1.99 22.56
CA LYS A 391 -13.55 -3.43 22.27
C LYS A 391 -14.90 -4.03 22.66
N LYS A 392 -15.48 -3.57 23.78
CA LYS A 392 -16.80 -4.06 24.16
C LYS A 392 -17.86 -3.63 23.15
N LEU A 393 -17.77 -2.39 22.65
CA LEU A 393 -18.71 -1.95 21.62
C LEU A 393 -18.59 -2.78 20.35
N MET A 394 -17.35 -3.08 19.93
CA MET A 394 -17.17 -3.95 18.78
C MET A 394 -17.76 -5.34 19.04
N LYS A 395 -17.54 -5.85 20.25
CA LYS A 395 -18.06 -7.17 20.60
C LYS A 395 -19.58 -7.23 20.54
N ILE A 396 -20.27 -6.18 20.98
CA ILE A 396 -21.73 -6.20 20.97
C ILE A 396 -22.25 -5.93 19.56
N THR A 397 -21.52 -5.11 18.80
CA THR A 397 -21.92 -4.83 17.42
C THR A 397 -21.84 -6.10 16.56
N ALA A 398 -20.77 -6.87 16.73
CA ALA A 398 -20.65 -8.13 16.01
C ALA A 398 -21.76 -9.09 16.40
N GLU A 399 -22.10 -9.14 17.69
CA GLU A 399 -23.18 -10.01 18.13
C GLU A 399 -24.50 -9.63 17.48
N TRP A 400 -24.80 -8.32 17.44
CA TRP A 400 -26.04 -7.89 16.80
C TRP A 400 -26.03 -8.20 15.30
N LEU A 401 -24.89 -7.98 14.64
CA LEU A 401 -24.81 -8.23 13.20
C LEU A 401 -25.03 -9.71 12.89
N TRP A 402 -24.41 -10.59 13.69
CA TRP A 402 -24.58 -12.02 13.47
C TRP A 402 -25.98 -12.47 13.86
N LYS A 403 -26.63 -11.78 14.79
CA LYS A 403 -28.04 -12.04 15.04
C LYS A 403 -28.88 -11.68 13.83
N GLU A 404 -28.55 -10.57 13.16
CA GLU A 404 -29.37 -10.10 12.05
C GLU A 404 -29.21 -10.98 10.81
N LEU A 405 -27.96 -11.30 10.44
CA LEU A 405 -27.77 -12.10 9.24
C LEU A 405 -28.13 -13.57 9.44
N GLY A 406 -28.14 -14.06 10.67
CA GLY A 406 -28.43 -15.47 10.89
C GLY A 406 -29.87 -15.87 10.69
N LYS A 407 -30.78 -14.91 10.56
CA LYS A 407 -32.20 -15.20 10.43
C LYS A 407 -32.64 -15.43 8.98
N LYS A 408 -31.76 -15.23 8.00
CA LYS A 408 -32.11 -15.44 6.60
C LYS A 408 -31.10 -16.31 5.86
N LYS A 409 -30.04 -16.76 6.51
CA LYS A 409 -29.07 -17.66 5.92
C LYS A 409 -28.64 -18.69 6.95
N THR A 410 -27.85 -19.66 6.50
CA THR A 410 -27.33 -20.71 7.36
C THR A 410 -26.09 -21.33 6.71
N PRO A 411 -24.96 -21.40 7.42
CA PRO A 411 -23.76 -21.99 6.83
C PRO A 411 -23.97 -23.46 6.49
N ARG A 412 -23.35 -23.89 5.39
CA ARG A 412 -23.50 -25.24 4.89
C ARG A 412 -22.14 -25.91 4.79
N MET A 413 -22.11 -27.20 5.07
CA MET A 413 -20.90 -28.01 4.92
C MET A 413 -20.65 -28.21 3.43
N CYS A 414 -19.57 -27.62 2.93
CA CYS A 414 -19.26 -27.70 1.51
C CYS A 414 -18.73 -29.08 1.16
N THR A 415 -18.43 -29.28 -0.13
CA THR A 415 -17.98 -30.56 -0.64
C THR A 415 -16.59 -30.43 -1.27
N ARG A 416 -16.02 -31.58 -1.60
CA ARG A 416 -14.68 -31.60 -2.18
C ARG A 416 -14.67 -31.00 -3.59
N GLU A 417 -15.64 -31.38 -4.42
CA GLU A 417 -15.61 -31.03 -5.84
C GLU A 417 -15.62 -29.52 -6.05
N GLU A 418 -16.26 -28.77 -5.15
CA GLU A 418 -16.30 -27.32 -5.30
C GLU A 418 -14.92 -26.70 -5.16
N PHE A 419 -14.03 -27.33 -4.38
CA PHE A 419 -12.72 -26.75 -4.13
C PHE A 419 -11.93 -26.55 -5.42
N THR A 420 -11.95 -27.55 -6.30
CA THR A 420 -11.28 -27.39 -7.59
C THR A 420 -12.07 -26.46 -8.51
N ARG A 421 -13.38 -26.35 -8.31
CA ARG A 421 -14.20 -25.51 -9.18
C ARG A 421 -13.90 -24.03 -8.99
N LYS A 422 -13.44 -23.65 -7.79
CA LYS A 422 -13.17 -22.25 -7.46
C LYS A 422 -11.73 -21.85 -7.77
N VAL A 423 -11.17 -22.36 -8.85
CA VAL A 423 -9.77 -22.18 -9.19
C VAL A 423 -9.57 -21.01 -10.15
N ARG A 424 -10.54 -20.10 -10.24
CA ARG A 424 -10.50 -18.99 -11.18
C ARG A 424 -9.33 -18.04 -10.86
N SER A 425 -9.22 -17.01 -11.70
CA SER A 425 -8.17 -15.99 -11.66
C SER A 425 -6.84 -16.53 -12.18
N ASN A 426 -5.87 -15.64 -12.38
CA ASN A 426 -4.63 -15.98 -13.06
C ASN A 426 -3.68 -16.83 -12.22
N ALA A 427 -3.97 -17.01 -10.93
CA ALA A 427 -3.09 -17.78 -10.07
C ALA A 427 -3.29 -19.29 -10.20
N ALA A 428 -4.14 -19.72 -11.12
CA ALA A 428 -4.38 -21.15 -11.33
C ALA A 428 -3.15 -21.84 -11.92
N GLY A 430 0.62 -22.61 -10.84
CA GLY A 430 0.84 -21.96 -9.56
C GLY A 430 1.57 -20.64 -9.69
N ASN A 437 8.51 -28.32 0.77
CA ASN A 437 7.36 -27.76 0.08
C ASN A 437 7.40 -28.08 -1.41
N LYS A 438 7.25 -29.36 -1.74
CA LYS A 438 7.27 -29.79 -3.13
C LYS A 438 6.07 -29.22 -3.88
N TRP A 439 6.30 -28.87 -5.15
CA TRP A 439 5.31 -28.31 -6.07
C TRP A 439 4.82 -26.95 -5.59
N LYS A 440 4.13 -26.21 -6.47
CA LYS A 440 3.55 -24.93 -6.11
C LYS A 440 2.19 -24.66 -6.74
N SER A 441 1.62 -25.62 -7.47
CA SER A 441 0.40 -25.40 -8.23
C SER A 441 -0.77 -26.15 -7.61
N ALA A 442 -1.97 -25.62 -7.82
CA ALA A 442 -3.17 -26.25 -7.30
C ALA A 442 -3.56 -27.48 -8.11
N ARG A 443 -3.39 -27.44 -9.43
CA ARG A 443 -3.77 -28.57 -10.28
C ARG A 443 -2.92 -29.79 -9.97
N GLU A 444 -1.61 -29.59 -9.74
CA GLU A 444 -0.71 -30.71 -9.55
C GLU A 444 -0.95 -31.42 -8.22
N ALA A 445 -1.35 -30.69 -7.18
CA ALA A 445 -1.49 -31.28 -5.86
C ALA A 445 -2.65 -32.27 -5.81
N VAL A 446 -3.70 -32.04 -6.59
CA VAL A 446 -4.82 -32.98 -6.62
C VAL A 446 -4.39 -34.32 -7.16
N GLU A 447 -3.59 -34.32 -8.23
CA GLU A 447 -3.12 -35.55 -8.86
C GLU A 447 -1.85 -36.09 -8.22
N ASP A 448 -1.26 -35.37 -7.25
CA ASP A 448 -0.11 -35.91 -6.53
C ASP A 448 -0.51 -37.08 -5.63
N SER A 449 -1.73 -37.05 -5.09
CA SER A 449 -2.34 -38.13 -4.30
C SER A 449 -1.72 -38.23 -2.90
N ARG A 450 -0.67 -37.45 -2.63
CA ARG A 450 -0.22 -37.27 -1.26
C ARG A 450 -1.04 -36.25 -0.52
N PHE A 451 -1.88 -35.49 -1.24
CA PHE A 451 -2.66 -34.43 -0.62
C PHE A 451 -3.61 -35.00 0.43
N TRP A 452 -4.30 -36.09 0.10
CA TRP A 452 -5.23 -36.69 1.06
C TRP A 452 -4.49 -37.32 2.23
N GLU A 453 -3.37 -37.98 1.96
CA GLU A 453 -2.58 -38.56 3.04
C GLU A 453 -2.11 -37.49 4.02
N LEU A 454 -1.79 -36.30 3.50
CA LEU A 454 -1.39 -35.21 4.39
C LEU A 454 -2.59 -34.64 5.13
N VAL A 455 -3.72 -34.45 4.45
CA VAL A 455 -4.85 -33.74 5.05
C VAL A 455 -5.64 -34.62 6.02
N ASP A 456 -5.51 -35.95 5.95
CA ASP A 456 -6.27 -36.81 6.84
C ASP A 456 -5.89 -36.58 8.30
N LYS A 457 -4.59 -36.57 8.60
CA LYS A 457 -4.14 -36.36 9.97
C LYS A 457 -4.53 -34.99 10.47
N GLU A 458 -4.42 -33.96 9.62
CA GLU A 458 -4.81 -32.62 10.01
C GLU A 458 -6.31 -32.55 10.32
N ARG A 459 -7.13 -33.21 9.49
CA ARG A 459 -8.57 -33.23 9.74
C ARG A 459 -8.88 -33.92 11.05
N ASN A 460 -8.20 -35.04 11.33
CA ASN A 460 -8.43 -35.72 12.60
C ASN A 460 -8.00 -34.87 13.79
N LEU A 461 -6.87 -34.17 13.65
CA LEU A 461 -6.38 -33.35 14.75
C LEU A 461 -7.28 -32.14 15.00
N HIS A 462 -7.83 -31.55 13.93
CA HIS A 462 -8.70 -30.39 14.08
C HIS A 462 -10.02 -30.72 14.77
N LEU A 463 -10.33 -32.00 14.96
CA LEU A 463 -11.52 -32.37 15.73
C LEU A 463 -11.43 -31.89 17.17
N GLU A 464 -10.28 -32.07 17.80
CA GLU A 464 -10.10 -31.79 19.21
C GLU A 464 -9.50 -30.41 19.48
N GLY A 465 -9.50 -29.52 18.48
CA GLY A 465 -8.88 -28.22 18.66
C GLY A 465 -7.38 -28.27 18.82
N LYS A 466 -6.70 -29.10 18.04
CA LYS A 466 -5.25 -29.20 18.03
C LYS A 466 -4.76 -29.26 16.59
N CYS A 467 -3.64 -28.58 16.32
CA CYS A 467 -3.09 -28.52 14.97
C CYS A 467 -1.58 -28.58 15.04
N GLU A 468 -0.97 -28.96 13.91
CA GLU A 468 0.48 -28.99 13.77
C GLU A 468 1.01 -28.31 12.53
N THR A 469 0.21 -28.14 11.48
CA THR A 469 0.68 -27.53 10.23
C THR A 469 -0.42 -26.60 9.72
N CYS A 470 -0.29 -25.31 10.07
CA CYS A 470 -1.16 -24.26 9.55
C CYS A 470 -0.32 -23.02 9.23
N VAL A 471 0.85 -23.24 8.64
CA VAL A 471 1.82 -22.17 8.41
C VAL A 471 1.44 -21.35 7.18
N TYR A 472 2.03 -20.17 7.04
CA TYR A 472 1.85 -19.32 5.88
C TYR A 472 3.17 -19.13 5.15
N ASN A 473 3.09 -18.44 4.01
CA ASN A 473 4.25 -17.98 3.27
C ASN A 473 3.86 -16.68 2.58
N MET A 474 4.59 -15.60 2.87
CA MET A 474 4.30 -14.29 2.32
C MET A 474 5.50 -13.77 1.55
N MET A 475 5.25 -13.24 0.36
CA MET A 475 6.30 -12.70 -0.50
C MET A 475 5.65 -11.93 -1.64
N GLY A 476 6.33 -10.86 -2.07
CA GLY A 476 5.91 -10.12 -3.23
C GLY A 476 4.77 -9.15 -2.95
N LYS A 477 4.37 -8.45 -4.01
CA LYS A 477 3.30 -7.47 -3.94
C LYS A 477 2.17 -7.82 -4.90
N LYS A 489 4.58 1.43 -6.55
CA LYS A 489 4.89 0.40 -5.58
C LYS A 489 3.77 0.27 -4.54
N GLY A 490 3.31 -0.96 -4.32
CA GLY A 490 2.27 -1.18 -3.34
C GLY A 490 2.77 -1.05 -1.92
N SER A 491 1.83 -0.83 -1.00
CA SER A 491 2.15 -0.66 0.41
C SER A 491 1.21 -1.46 1.31
N ARG A 492 0.72 -2.60 0.82
CA ARG A 492 -0.18 -3.45 1.59
C ARG A 492 0.29 -4.89 1.46
N ALA A 493 -0.06 -5.70 2.46
CA ALA A 493 0.43 -7.07 2.55
C ALA A 493 -0.55 -8.03 1.88
N ILE A 494 0.00 -9.06 1.24
CA ILE A 494 -0.79 -10.11 0.59
C ILE A 494 -0.42 -11.43 1.24
N TRP A 495 -1.43 -12.20 1.63
CA TRP A 495 -1.23 -13.44 2.36
C TRP A 495 -1.58 -14.64 1.48
N TYR A 496 -0.63 -15.55 1.32
CA TYR A 496 -0.90 -16.87 0.77
C TYR A 496 -1.09 -17.85 1.92
N MET A 497 -1.35 -19.10 1.56
CA MET A 497 -1.49 -20.16 2.56
C MET A 497 -1.07 -21.48 1.96
N TRP A 498 -0.73 -22.42 2.84
CA TRP A 498 -0.42 -23.77 2.41
C TRP A 498 -1.66 -24.42 1.80
N LEU A 499 -1.47 -25.10 0.67
CA LEU A 499 -2.62 -25.65 -0.05
C LEU A 499 -3.30 -26.75 0.75
N GLY A 500 -2.54 -27.56 1.47
CA GLY A 500 -3.17 -28.51 2.40
C GLY A 500 -3.94 -27.81 3.49
N ALA A 501 -3.36 -26.74 4.05
CA ALA A 501 -4.10 -25.89 4.98
C ALA A 501 -5.23 -25.15 4.26
N ARG A 502 -5.03 -24.82 2.98
CA ARG A 502 -6.10 -24.21 2.20
C ARG A 502 -7.31 -25.13 2.11
N PHE A 503 -7.07 -26.44 2.03
CA PHE A 503 -8.18 -27.39 1.91
C PHE A 503 -9.05 -27.36 3.16
N LEU A 504 -8.43 -27.39 4.34
CA LEU A 504 -9.21 -27.32 5.58
C LEU A 504 -9.82 -25.93 5.78
N GLU A 505 -9.12 -24.87 5.39
CA GLU A 505 -9.69 -23.54 5.46
C GLU A 505 -10.95 -23.44 4.59
N PHE A 506 -10.92 -24.04 3.41
CA PHE A 506 -12.09 -24.09 2.55
C PHE A 506 -13.21 -24.90 3.20
N GLU A 507 -12.90 -26.13 3.62
CA GLU A 507 -13.92 -26.97 4.23
C GLU A 507 -14.50 -26.36 5.49
N ALA A 508 -13.81 -25.40 6.10
CA ALA A 508 -14.32 -24.71 7.27
C ALA A 508 -15.17 -23.49 6.90
N LEU A 509 -14.65 -22.60 6.06
CA LEU A 509 -15.29 -21.31 5.80
C LEU A 509 -15.34 -21.00 4.30
N GLY A 510 -15.79 -21.97 3.50
CA GLY A 510 -16.05 -21.71 2.10
C GLY A 510 -17.48 -21.36 1.77
N PHE A 511 -18.38 -21.44 2.74
CA PHE A 511 -19.77 -21.08 2.52
C PHE A 511 -19.95 -19.60 2.23
N LEU A 512 -19.01 -18.75 2.65
CA LEU A 512 -19.18 -17.31 2.48
C LEU A 512 -19.19 -16.90 1.02
N ASN A 513 -18.38 -17.55 0.19
CA ASN A 513 -18.26 -17.17 -1.22
C ASN A 513 -19.36 -17.74 -2.10
N GLU A 514 -20.17 -18.67 -1.58
CA GLU A 514 -21.22 -19.31 -2.37
C GLU A 514 -22.61 -19.02 -1.85
N ASP A 515 -22.86 -19.23 -0.56
CA ASP A 515 -24.16 -18.92 0.02
C ASP A 515 -24.47 -17.43 0.00
N HIS A 516 -23.45 -16.59 -0.16
CA HIS A 516 -23.62 -15.14 -0.31
C HIS A 516 -24.25 -14.52 0.94
N TRP A 517 -23.58 -14.76 2.08
CA TRP A 517 -23.94 -14.06 3.32
C TRP A 517 -23.78 -12.55 3.16
N PHE A 518 -22.82 -12.11 2.35
CA PHE A 518 -22.53 -10.69 2.18
C PHE A 518 -23.20 -10.09 0.96
N SER A 519 -24.08 -10.84 0.29
CA SER A 519 -24.89 -10.27 -0.78
C SER A 519 -25.84 -9.23 -0.23
N ARG A 520 -26.25 -8.30 -1.09
CA ARG A 520 -27.09 -7.19 -0.65
C ARG A 520 -28.42 -7.66 -0.08
N GLU A 521 -28.84 -8.90 -0.39
CA GLU A 521 -30.04 -9.44 0.22
C GLU A 521 -29.88 -9.56 1.73
N ASN A 522 -28.70 -9.98 2.19
CA ASN A 522 -28.44 -10.12 3.61
C ASN A 522 -27.45 -9.11 4.16
N SER A 523 -26.90 -8.24 3.32
CA SER A 523 -25.92 -7.24 3.76
C SER A 523 -26.44 -5.81 3.67
N LEU A 524 -27.09 -5.45 2.56
CA LEU A 524 -27.63 -4.13 2.27
C LEU A 524 -26.54 -3.07 2.07
N SER A 525 -25.27 -3.43 2.23
CA SER A 525 -24.17 -2.51 1.99
C SER A 525 -23.01 -3.13 1.24
N GLY A 526 -23.07 -4.43 0.93
CA GLY A 526 -21.97 -5.10 0.28
C GLY A 526 -21.95 -4.92 -1.23
N VAL A 527 -20.95 -5.55 -1.85
CA VAL A 527 -20.78 -5.49 -3.29
C VAL A 527 -21.18 -6.79 -3.98
N GLU A 528 -21.01 -7.93 -3.33
CA GLU A 528 -21.36 -9.21 -3.93
C GLU A 528 -22.86 -9.27 -4.22
N GLY A 529 -23.21 -9.81 -5.38
CA GLY A 529 -24.59 -9.83 -5.82
C GLY A 529 -25.08 -8.55 -6.44
N GLU A 530 -24.18 -7.57 -6.64
CA GLU A 530 -24.55 -6.29 -7.25
C GLU A 530 -23.43 -5.89 -8.21
N GLY A 531 -23.79 -5.72 -9.49
CA GLY A 531 -22.82 -5.36 -10.49
C GLY A 531 -22.47 -3.89 -10.46
N LEU A 532 -21.53 -3.52 -11.34
CA LEU A 532 -21.11 -2.12 -11.41
C LEU A 532 -22.27 -1.21 -11.80
N HIS A 533 -23.08 -1.64 -12.78
CA HIS A 533 -24.25 -0.87 -13.16
C HIS A 533 -25.25 -0.80 -12.00
N LYS A 534 -25.46 -1.90 -11.30
CA LYS A 534 -26.38 -1.90 -10.16
C LYS A 534 -25.84 -1.06 -9.01
N LEU A 535 -24.51 -1.07 -8.80
CA LEU A 535 -23.93 -0.20 -7.79
C LEU A 535 -24.13 1.26 -8.15
N GLY A 536 -23.92 1.62 -9.43
CA GLY A 536 -24.20 2.98 -9.85
C GLY A 536 -25.66 3.36 -9.68
N TYR A 537 -26.56 2.42 -9.97
CA TYR A 537 -27.99 2.67 -9.78
C TYR A 537 -28.31 2.90 -8.31
N ILE A 538 -27.71 2.10 -7.42
CA ILE A 538 -27.94 2.27 -5.99
C ILE A 538 -27.44 3.63 -5.53
N LEU A 539 -26.24 4.01 -5.97
CA LEU A 539 -25.73 5.35 -5.66
C LEU A 539 -26.65 6.43 -6.24
N ARG A 540 -27.32 6.14 -7.35
CA ARG A 540 -28.29 7.08 -7.90
C ARG A 540 -29.52 7.21 -7.02
N ASP A 541 -29.84 6.17 -6.24
CA ASP A 541 -30.98 6.22 -5.34
C ASP A 541 -30.61 6.69 -3.95
N VAL A 542 -29.34 6.59 -3.57
CA VAL A 542 -28.90 7.11 -2.27
C VAL A 542 -29.12 8.62 -2.21
N SER A 543 -28.86 9.31 -3.32
CA SER A 543 -29.08 10.75 -3.35
C SER A 543 -30.53 11.11 -3.09
N LYS A 544 -31.46 10.37 -3.70
CA LYS A 544 -32.87 10.60 -3.45
C LYS A 544 -33.24 10.37 -1.99
N LYS A 545 -32.58 9.41 -1.33
CA LYS A 545 -32.83 9.17 0.07
C LYS A 545 -32.41 10.36 0.91
N GLU A 546 -33.24 10.73 1.88
CA GLU A 546 -32.99 11.91 2.69
C GLU A 546 -31.67 11.77 3.44
N GLY A 547 -30.93 12.88 3.52
CA GLY A 547 -29.65 12.88 4.18
C GLY A 547 -28.87 14.13 3.83
N GLY A 548 -27.60 14.11 4.19
CA GLY A 548 -26.72 15.25 3.97
C GLY A 548 -25.61 15.00 2.97
N ALA A 549 -24.38 15.24 3.39
CA ALA A 549 -23.23 15.11 2.51
C ALA A 549 -22.84 13.65 2.31
N MET A 550 -22.22 13.37 1.17
CA MET A 550 -21.71 12.05 0.85
C MET A 550 -20.21 12.01 1.15
N TYR A 551 -19.81 11.14 2.08
CA TYR A 551 -18.44 11.06 2.54
C TYR A 551 -17.78 9.79 2.01
N ALA A 552 -16.60 9.94 1.43
CA ALA A 552 -15.80 8.82 0.93
C ALA A 552 -14.43 8.89 1.58
N ASP A 553 -13.96 7.75 2.10
CA ASP A 553 -12.68 7.68 2.79
C ASP A 553 -11.98 6.39 2.43
N ASP A 554 -10.65 6.38 2.62
CA ASP A 554 -9.81 5.21 2.37
C ASP A 554 -8.80 5.13 3.51
N THR A 555 -9.10 4.33 4.52
CA THR A 555 -8.22 4.19 5.68
C THR A 555 -6.91 3.54 5.29
N ALA A 556 -5.81 4.07 5.82
CA ALA A 556 -4.48 3.58 5.50
C ALA A 556 -4.10 2.43 6.43
N GLY A 557 -3.50 1.40 5.85
CA GLY A 557 -3.04 0.26 6.61
C GLY A 557 -4.14 -0.51 7.30
N TRP A 558 -5.23 -0.80 6.58
CA TRP A 558 -6.35 -1.52 7.17
C TRP A 558 -5.94 -2.91 7.62
N ASP A 559 -5.11 -3.59 6.83
CA ASP A 559 -4.71 -4.95 7.16
C ASP A 559 -3.91 -5.01 8.46
N THR A 560 -3.00 -4.06 8.67
CA THR A 560 -2.17 -4.05 9.86
C THR A 560 -2.86 -3.40 11.06
N ARG A 561 -3.99 -2.74 10.86
CA ARG A 561 -4.70 -2.09 11.95
C ARG A 561 -5.78 -2.97 12.57
N ILE A 562 -5.92 -4.21 12.10
CA ILE A 562 -6.90 -5.13 12.69
C ILE A 562 -6.34 -5.68 13.99
N THR A 563 -7.01 -5.38 15.10
CA THR A 563 -6.47 -5.65 16.43
C THR A 563 -6.81 -7.07 16.87
N LEU A 564 -6.42 -7.39 18.12
CA LEU A 564 -6.69 -8.71 18.67
C LEU A 564 -8.19 -8.92 18.88
N GLU A 565 -8.91 -7.88 19.31
CA GLU A 565 -10.33 -8.01 19.58
C GLU A 565 -11.11 -8.36 18.31
N ASP A 566 -10.71 -7.79 17.17
CA ASP A 566 -11.47 -7.98 15.93
C ASP A 566 -11.52 -9.45 15.52
N LEU A 567 -10.41 -10.16 15.65
CA LEU A 567 -10.39 -11.58 15.33
C LEU A 567 -11.24 -12.42 16.29
N LYS A 568 -11.61 -11.88 17.44
CA LYS A 568 -12.48 -12.56 18.38
C LYS A 568 -13.95 -12.40 18.05
N ASN A 569 -14.28 -11.63 17.01
CA ASN A 569 -15.65 -11.49 16.54
C ASN A 569 -16.02 -12.51 15.49
N GLU A 570 -15.07 -12.95 14.67
CA GLU A 570 -15.35 -13.94 13.64
C GLU A 570 -15.55 -15.33 14.22
N GLU A 571 -15.12 -15.57 15.45
CA GLU A 571 -15.31 -16.88 16.07
C GLU A 571 -16.78 -17.16 16.39
N MET A 572 -17.61 -16.11 16.44
CA MET A 572 -19.02 -16.29 16.77
C MET A 572 -19.76 -17.09 15.71
N VAL A 573 -19.16 -17.28 14.53
CA VAL A 573 -19.74 -18.15 13.51
C VAL A 573 -19.85 -19.58 14.00
N THR A 574 -19.10 -19.93 15.06
CA THR A 574 -19.24 -21.26 15.65
C THR A 574 -20.57 -21.45 16.36
N ASN A 575 -21.34 -20.37 16.56
CA ASN A 575 -22.62 -20.50 17.24
C ASN A 575 -23.60 -21.35 16.44
N HIS A 576 -23.66 -21.15 15.12
CA HIS A 576 -24.64 -21.83 14.29
C HIS A 576 -24.13 -23.10 13.64
N MET A 577 -22.82 -23.28 13.55
CA MET A 577 -22.26 -24.52 13.01
C MET A 577 -22.43 -25.65 14.03
N GLU A 578 -22.30 -26.88 13.54
CA GLU A 578 -22.47 -28.05 14.40
C GLU A 578 -21.61 -29.19 13.87
N GLY A 579 -21.35 -30.14 14.76
CA GLY A 579 -20.64 -31.35 14.37
C GLY A 579 -19.16 -31.12 14.08
N GLU A 580 -18.62 -31.99 13.23
CA GLU A 580 -17.21 -31.91 12.89
C GLU A 580 -16.87 -30.60 12.20
N HIS A 581 -17.81 -30.03 11.43
CA HIS A 581 -17.57 -28.72 10.84
C HIS A 581 -17.33 -27.67 11.91
N LYS A 582 -18.16 -27.67 12.96
CA LYS A 582 -17.96 -26.74 14.06
C LYS A 582 -16.65 -27.00 14.78
N LYS A 583 -16.30 -28.27 14.96
CA LYS A 583 -15.04 -28.59 15.64
C LYS A 583 -13.84 -28.08 14.84
N LEU A 584 -13.84 -28.30 13.53
CA LEU A 584 -12.75 -27.79 12.70
C LEU A 584 -12.74 -26.27 12.68
N ALA A 585 -13.92 -25.65 12.70
CA ALA A 585 -13.99 -24.19 12.73
C ALA A 585 -13.34 -23.65 14.01
N GLU A 586 -13.69 -24.23 15.16
CA GLU A 586 -13.08 -23.81 16.42
C GLU A 586 -11.57 -24.03 16.40
N ALA A 587 -11.14 -25.17 15.86
CA ALA A 587 -9.71 -25.49 15.83
C ALA A 587 -8.95 -24.50 14.95
N ILE A 588 -9.48 -24.16 13.78
CA ILE A 588 -8.78 -23.22 12.91
C ILE A 588 -8.84 -21.81 13.48
N PHE A 589 -9.93 -21.46 14.17
CA PHE A 589 -10.04 -20.12 14.75
C PHE A 589 -9.08 -19.95 15.91
N LYS A 590 -8.83 -21.02 16.68
CA LYS A 590 -7.96 -20.90 17.84
C LYS A 590 -6.49 -21.11 17.47
N LEU A 591 -6.19 -22.17 16.73
CA LEU A 591 -4.80 -22.56 16.48
C LEU A 591 -4.10 -21.67 15.47
N THR A 592 -4.83 -20.99 14.61
CA THR A 592 -4.18 -20.25 13.54
C THR A 592 -4.56 -18.78 13.49
N TYR A 593 -5.82 -18.42 13.75
CA TYR A 593 -6.25 -17.04 13.58
C TYR A 593 -5.65 -16.10 14.61
N GLN A 594 -5.03 -16.62 15.68
CA GLN A 594 -4.37 -15.79 16.67
C GLN A 594 -2.86 -16.02 16.75
N ASN A 595 -2.30 -16.89 15.91
CA ASN A 595 -0.87 -17.16 15.90
C ASN A 595 -0.43 -17.35 14.45
N LYS A 596 0.30 -16.37 13.93
CA LYS A 596 0.72 -16.35 12.53
C LYS A 596 2.23 -16.49 12.46
N VAL A 597 2.69 -17.53 11.76
CA VAL A 597 4.09 -17.73 11.46
C VAL A 597 4.33 -17.33 10.01
N VAL A 598 5.33 -16.48 9.79
CA VAL A 598 5.63 -15.92 8.48
C VAL A 598 7.10 -16.15 8.18
N ARG A 599 7.39 -16.65 6.99
CA ARG A 599 8.76 -16.83 6.51
C ARG A 599 9.05 -15.73 5.50
N VAL A 600 10.00 -14.86 5.82
CA VAL A 600 10.30 -13.70 4.99
C VAL A 600 11.80 -13.62 4.74
N GLN A 601 12.15 -13.02 3.60
CA GLN A 601 13.54 -12.97 3.16
C GLN A 601 14.27 -11.76 3.72
N ARG A 602 15.59 -11.86 3.79
CA ARG A 602 16.50 -10.77 4.08
C ARG A 602 17.76 -10.98 3.25
N PRO A 603 17.96 -10.19 2.19
CA PRO A 603 19.17 -10.29 1.34
C PRO A 603 20.33 -9.38 1.77
N THR A 604 20.98 -9.75 2.85
CA THR A 604 22.16 -9.02 3.30
C THR A 604 23.36 -9.39 2.44
N PRO A 605 24.44 -8.59 2.49
CA PRO A 605 25.67 -9.00 1.81
C PRO A 605 26.22 -10.33 2.28
N ARG A 606 25.83 -10.78 3.48
CA ARG A 606 26.21 -12.10 3.98
C ARG A 606 25.40 -13.23 3.35
N GLY A 607 24.34 -12.91 2.62
CA GLY A 607 23.52 -13.89 1.97
C GLY A 607 22.04 -13.54 2.04
N THR A 608 21.24 -14.34 1.35
CA THR A 608 19.79 -14.20 1.35
C THR A 608 19.21 -15.25 2.30
N VAL A 609 18.78 -14.81 3.48
CA VAL A 609 18.33 -15.72 4.53
C VAL A 609 16.83 -15.53 4.74
N MET A 610 16.10 -16.64 4.73
CA MET A 610 14.68 -16.63 5.08
C MET A 610 14.54 -16.93 6.57
N ASP A 611 13.80 -16.07 7.27
CA ASP A 611 13.61 -16.23 8.71
C ASP A 611 12.14 -16.28 9.05
N ILE A 612 11.85 -16.91 10.19
CA ILE A 612 10.49 -17.16 10.65
C ILE A 612 10.18 -16.19 11.79
N ILE A 613 8.96 -15.68 11.80
CA ILE A 613 8.52 -14.71 12.80
C ILE A 613 7.05 -14.95 13.13
N SER A 614 6.71 -14.82 14.41
CA SER A 614 5.36 -15.11 14.90
C SER A 614 4.70 -13.84 15.43
N ARG A 615 3.48 -13.59 14.98
CA ARG A 615 2.69 -12.44 15.40
C ARG A 615 1.29 -12.88 15.77
N ARG A 616 0.71 -12.21 16.77
CA ARG A 616 -0.61 -12.53 17.29
C ARG A 616 -1.61 -11.40 17.03
N ASP A 617 -1.61 -10.86 15.83
CA ASP A 617 -2.50 -9.74 15.50
C ASP A 617 -2.78 -9.79 13.99
N GLN A 618 -3.35 -8.69 13.47
CA GLN A 618 -3.58 -8.45 12.04
C GLN A 618 -4.41 -9.54 11.38
N ARG A 619 -4.50 -9.49 10.04
CA ARG A 619 -5.40 -10.38 9.31
C ARG A 619 -5.04 -11.84 9.52
N GLY A 620 -6.04 -12.70 9.50
CA GLY A 620 -5.86 -14.10 9.81
C GLY A 620 -6.36 -15.09 8.79
N SER A 621 -6.20 -14.77 7.50
CA SER A 621 -6.66 -15.66 6.44
C SER A 621 -5.74 -15.50 5.22
N GLY A 622 -6.15 -16.13 4.12
CA GLY A 622 -5.38 -16.09 2.89
C GLY A 622 -5.76 -14.92 2.00
N GLN A 623 -5.54 -15.11 0.71
CA GLN A 623 -5.85 -14.06 -0.26
C GLN A 623 -7.26 -14.14 -0.81
N VAL A 624 -7.95 -15.27 -0.62
CA VAL A 624 -9.28 -15.45 -1.23
C VAL A 624 -10.40 -15.11 -0.26
N GLY A 625 -10.33 -15.61 0.97
CA GLY A 625 -11.37 -15.34 1.95
C GLY A 625 -11.27 -14.00 2.64
N THR A 626 -10.18 -13.26 2.41
CA THR A 626 -9.98 -11.98 3.09
C THR A 626 -11.03 -10.96 2.68
N TYR A 627 -11.56 -11.06 1.45
CA TYR A 627 -12.48 -10.05 0.96
C TYR A 627 -13.74 -9.95 1.81
N GLY A 628 -14.40 -11.08 2.05
CA GLY A 628 -15.64 -11.06 2.81
C GLY A 628 -15.44 -10.68 4.26
N LEU A 629 -14.38 -11.20 4.89
CA LEU A 629 -14.10 -10.87 6.28
C LEU A 629 -13.79 -9.39 6.44
N ASN A 630 -12.98 -8.85 5.53
CA ASN A 630 -12.68 -7.42 5.55
C ASN A 630 -13.93 -6.60 5.32
N THR A 631 -14.81 -7.05 4.42
CA THR A 631 -16.06 -6.31 4.19
C THR A 631 -16.94 -6.31 5.44
N PHE A 632 -17.03 -7.45 6.13
CA PHE A 632 -17.78 -7.51 7.37
C PHE A 632 -17.21 -6.56 8.42
N THR A 633 -15.88 -6.59 8.60
CA THR A 633 -15.26 -5.68 9.55
C THR A 633 -15.47 -4.23 9.14
N ASN A 634 -15.50 -3.94 7.84
CA ASN A 634 -15.71 -2.56 7.39
C ASN A 634 -17.14 -2.10 7.63
N MET A 635 -18.12 -3.00 7.45
CA MET A 635 -19.48 -2.66 7.85
C MET A 635 -19.55 -2.34 9.34
N GLU A 636 -18.88 -3.16 10.16
CA GLU A 636 -18.87 -2.90 11.59
C GLU A 636 -18.23 -1.55 11.90
N ALA A 637 -17.12 -1.23 11.23
CA ALA A 637 -16.43 0.04 11.46
C ALA A 637 -17.28 1.23 11.03
N GLN A 638 -17.98 1.10 9.90
CA GLN A 638 -18.87 2.18 9.48
C GLN A 638 -20.00 2.37 10.47
N LEU A 639 -20.55 1.27 10.99
CA LEU A 639 -21.60 1.39 12.00
C LEU A 639 -21.11 2.10 13.26
N ILE A 640 -19.90 1.75 13.73
CA ILE A 640 -19.41 2.38 14.94
C ILE A 640 -19.08 3.85 14.70
N ARG A 641 -18.55 4.18 13.52
CA ARG A 641 -18.26 5.58 13.22
C ARG A 641 -19.54 6.41 13.14
N GLN A 642 -20.60 5.84 12.54
CA GLN A 642 -21.88 6.54 12.53
C GLN A 642 -22.45 6.69 13.93
N MET A 643 -22.27 5.66 14.77
CA MET A 643 -22.71 5.77 16.15
C MET A 643 -22.01 6.90 16.87
N GLU A 644 -20.70 7.06 16.66
CA GLU A 644 -20.00 8.19 17.25
C GLU A 644 -20.52 9.51 16.67
N GLY A 645 -20.77 9.55 15.36
CA GLY A 645 -21.24 10.78 14.75
C GLY A 645 -22.58 11.23 15.28
N GLU A 646 -23.52 10.29 15.45
CA GLU A 646 -24.85 10.66 15.93
C GLU A 646 -24.81 11.06 17.41
N GLY A 647 -24.02 10.36 18.21
CA GLY A 647 -23.90 10.66 19.62
C GLY A 647 -24.74 9.73 20.47
N VAL A 648 -24.11 8.71 21.04
CA VAL A 648 -24.79 7.74 21.90
C VAL A 648 -24.01 7.64 23.20
N PHE A 649 -22.71 7.41 23.10
CA PHE A 649 -21.83 7.20 24.24
C PHE A 649 -21.07 8.49 24.54
N LYS A 650 -21.06 8.89 25.80
CA LYS A 650 -20.35 10.08 26.24
C LYS A 650 -18.93 9.78 26.70
N SER A 651 -18.53 8.51 26.74
CA SER A 651 -17.20 8.13 27.17
C SER A 651 -16.84 6.81 26.52
N ILE A 652 -15.66 6.78 25.86
CA ILE A 652 -15.17 5.56 25.24
C ILE A 652 -14.14 4.84 26.11
N GLN A 653 -13.61 5.50 27.14
CA GLN A 653 -12.72 4.82 28.08
C GLN A 653 -13.48 3.81 28.93
N HIS A 654 -14.70 4.14 29.34
CA HIS A 654 -15.49 3.29 30.21
C HIS A 654 -16.92 3.22 29.70
N LEU A 655 -17.63 2.17 30.10
CA LEU A 655 -19.00 1.97 29.66
C LEU A 655 -19.80 1.31 30.78
N THR A 656 -21.12 1.27 30.57
CA THR A 656 -22.04 0.74 31.57
C THR A 656 -23.17 0.03 30.81
N VAL A 657 -23.92 -0.80 31.55
CA VAL A 657 -24.91 -1.68 30.93
C VAL A 657 -25.98 -0.89 30.17
N THR A 658 -26.36 0.27 30.71
CA THR A 658 -27.45 1.04 30.11
C THR A 658 -27.11 1.47 28.69
N GLU A 659 -25.89 1.96 28.48
CA GLU A 659 -25.49 2.35 27.13
C GLU A 659 -25.41 1.12 26.21
N GLU A 660 -24.97 -0.01 26.74
CA GLU A 660 -24.90 -1.23 25.94
C GLU A 660 -26.28 -1.64 25.44
N ILE A 661 -27.26 -1.67 26.34
CA ILE A 661 -28.60 -2.09 25.94
C ILE A 661 -29.25 -1.06 25.04
N ALA A 662 -28.98 0.23 25.25
CA ALA A 662 -29.49 1.25 24.34
C ALA A 662 -28.94 1.07 22.93
N VAL A 663 -27.62 0.80 22.82
CA VAL A 663 -27.02 0.55 21.52
C VAL A 663 -27.63 -0.70 20.88
N GLN A 664 -27.84 -1.75 21.69
CA GLN A 664 -28.45 -2.96 21.17
C GLN A 664 -29.84 -2.70 20.60
N ASN A 665 -30.65 -1.93 21.34
CA ASN A 665 -32.00 -1.61 20.87
C ASN A 665 -31.96 -0.76 19.59
N TRP A 666 -31.08 0.24 19.55
CA TRP A 666 -30.97 1.07 18.35
C TRP A 666 -30.56 0.24 17.15
N LEU A 667 -29.59 -0.67 17.33
CA LEU A 667 -29.18 -1.54 16.24
C LEU A 667 -30.34 -2.42 15.79
N ALA A 668 -30.96 -3.14 16.72
CA ALA A 668 -32.05 -4.05 16.37
C ALA A 668 -33.22 -3.30 15.74
N ARG A 669 -33.33 -1.99 15.97
CA ARG A 669 -34.42 -1.23 15.36
C ARG A 669 -34.09 -0.74 13.95
N VAL A 670 -32.94 -0.08 13.77
CA VAL A 670 -32.70 0.61 12.51
C VAL A 670 -31.44 0.10 11.79
N GLY A 671 -31.04 -1.14 12.04
CA GLY A 671 -29.85 -1.65 11.37
C GLY A 671 -30.02 -1.75 9.86
N ARG A 672 -31.16 -2.26 9.40
CA ARG A 672 -31.39 -2.38 7.97
C ARG A 672 -31.45 -1.01 7.30
N GLU A 673 -32.14 -0.07 7.94
CA GLU A 673 -32.22 1.28 7.39
C GLU A 673 -30.85 1.92 7.29
N ARG A 674 -30.01 1.73 8.31
CA ARG A 674 -28.69 2.36 8.29
C ARG A 674 -27.76 1.64 7.30
N LEU A 675 -27.91 0.33 7.15
CA LEU A 675 -27.08 -0.41 6.20
C LEU A 675 -27.44 -0.07 4.76
N SER A 676 -28.73 0.19 4.49
CA SER A 676 -29.15 0.50 3.14
C SER A 676 -28.49 1.79 2.62
N ARG A 677 -28.17 2.72 3.52
CA ARG A 677 -27.64 4.01 3.11
C ARG A 677 -26.15 3.98 2.79
N MET A 678 -25.44 2.92 3.19
CA MET A 678 -24.00 2.85 3.00
C MET A 678 -23.66 1.90 1.87
N ALA A 679 -22.65 2.27 1.06
CA ALA A 679 -22.17 1.38 0.01
C ALA A 679 -20.72 1.02 0.33
N ILE A 680 -20.49 -0.26 0.64
CA ILE A 680 -19.22 -0.73 1.16
C ILE A 680 -18.72 -1.88 0.31
N SER A 681 -17.44 -1.82 -0.08
CA SER A 681 -16.80 -2.89 -0.84
C SER A 681 -15.37 -3.02 -0.33
N GLY A 682 -15.07 -4.14 0.31
CA GLY A 682 -13.74 -4.34 0.86
C GLY A 682 -13.42 -3.26 1.88
N ASP A 683 -12.24 -2.65 1.73
CA ASP A 683 -11.83 -1.57 2.61
C ASP A 683 -12.46 -0.24 2.24
N ASP A 684 -13.14 -0.15 1.09
CA ASP A 684 -13.74 1.10 0.64
C ASP A 684 -15.17 1.22 1.13
N CYS A 685 -15.58 2.45 1.43
CA CYS A 685 -16.91 2.69 2.00
C CYS A 685 -17.32 4.12 1.73
N VAL A 686 -18.50 4.31 1.12
CA VAL A 686 -19.11 5.61 0.95
C VAL A 686 -20.36 5.68 1.81
N VAL A 687 -20.52 6.80 2.51
CA VAL A 687 -21.49 6.95 3.58
C VAL A 687 -22.32 8.19 3.34
N LYS A 688 -23.63 8.08 3.60
CA LYS A 688 -24.54 9.23 3.57
C LYS A 688 -25.26 9.28 4.92
N PRO A 689 -24.69 9.99 5.89
CA PRO A 689 -25.31 10.08 7.21
C PRO A 689 -26.47 11.09 7.22
N LEU A 690 -27.18 11.11 8.34
CA LEU A 690 -28.30 12.02 8.55
C LEU A 690 -27.91 13.25 9.36
N ASP A 691 -26.63 13.61 9.36
CA ASP A 691 -26.17 14.78 10.09
C ASP A 691 -24.94 15.36 9.40
N ASP A 692 -24.70 16.63 9.65
CA ASP A 692 -23.52 17.34 9.14
C ASP A 692 -22.37 17.33 10.15
N ARG A 693 -22.59 16.82 11.35
CA ARG A 693 -21.56 16.72 12.38
C ARG A 693 -20.79 15.41 12.29
N PHE A 694 -21.06 14.60 11.26
CA PHE A 694 -20.37 13.32 11.07
C PHE A 694 -18.88 13.49 10.86
N ALA A 695 -18.43 14.65 10.39
CA ALA A 695 -17.02 14.83 10.08
C ALA A 695 -16.17 14.95 11.33
N SER A 696 -16.63 15.70 12.33
CA SER A 696 -15.80 16.03 13.47
C SER A 696 -15.76 14.97 14.55
N ALA A 697 -16.53 13.88 14.41
CA ALA A 697 -16.54 12.81 15.39
C ALA A 697 -15.51 11.77 14.99
N LEU A 698 -14.30 11.91 15.53
CA LEU A 698 -13.19 11.03 15.20
C LEU A 698 -12.57 10.33 16.41
N THR A 699 -13.04 10.62 17.62
CA THR A 699 -12.42 10.07 18.82
C THR A 699 -12.65 8.56 18.91
N ALA A 700 -13.89 8.12 18.74
CA ALA A 700 -14.15 6.68 18.74
C ALA A 700 -13.53 6.01 17.51
N LEU A 701 -13.36 6.77 16.43
CA LEU A 701 -12.76 6.19 15.21
C LEU A 701 -11.29 5.86 15.43
N ASN A 702 -10.51 6.80 15.97
CA ASN A 702 -9.09 6.54 16.18
C ASN A 702 -8.81 5.85 17.51
N ASP A 703 -9.80 5.71 18.39
CA ASP A 703 -9.63 4.84 19.55
C ASP A 703 -9.42 3.39 19.11
N MET A 704 -10.17 2.96 18.10
CA MET A 704 -9.98 1.62 17.54
C MET A 704 -8.57 1.44 16.99
N GLY A 705 -7.94 2.52 16.54
CA GLY A 705 -6.60 2.47 16.02
C GLY A 705 -6.48 2.55 14.51
N LYS A 706 -7.40 3.23 13.84
CA LYS A 706 -7.37 3.36 12.39
C LYS A 706 -6.67 4.66 12.00
N VAL A 707 -5.75 4.56 11.05
CA VAL A 707 -4.96 5.70 10.59
C VAL A 707 -5.34 5.99 9.14
N ARG A 708 -5.71 7.24 8.86
CA ARG A 708 -6.12 7.67 7.52
C ARG A 708 -5.01 8.48 6.88
N LYS A 709 -4.67 8.13 5.64
CA LYS A 709 -3.63 8.81 4.90
C LYS A 709 -4.20 10.07 4.23
N ASP A 710 -3.34 10.78 3.50
CA ASP A 710 -3.62 12.00 2.76
C ASP A 710 -3.99 13.17 3.68
N ILE A 711 -3.99 12.96 5.00
CA ILE A 711 -4.37 14.00 5.94
C ILE A 711 -3.89 13.57 7.32
N GLN A 712 -3.64 14.55 8.19
CA GLN A 712 -3.35 14.24 9.58
C GLN A 712 -4.57 13.60 10.23
N GLN A 713 -4.31 12.69 11.16
CA GLN A 713 -5.38 11.83 11.67
C GLN A 713 -6.50 12.62 12.33
N TRP A 714 -6.15 13.66 13.09
CA TRP A 714 -7.13 14.39 13.88
C TRP A 714 -7.69 15.60 13.15
N GLU A 715 -7.33 15.82 11.89
CA GLU A 715 -7.86 16.93 11.12
C GLU A 715 -9.28 16.64 10.65
N PRO A 716 -10.05 17.68 10.31
CA PRO A 716 -11.43 17.46 9.86
C PRO A 716 -11.51 16.63 8.59
N SER A 717 -12.59 15.88 8.46
CA SER A 717 -12.78 14.96 7.35
C SER A 717 -13.11 15.72 6.06
N ARG A 718 -13.08 14.99 4.95
CA ARG A 718 -13.38 15.52 3.63
C ARG A 718 -14.57 14.79 3.04
N GLY A 719 -15.54 15.54 2.51
CA GLY A 719 -16.74 14.96 1.96
C GLY A 719 -17.15 15.64 0.68
N TRP A 720 -18.18 15.08 0.04
CA TRP A 720 -18.72 15.59 -1.21
C TRP A 720 -20.21 15.86 -1.07
N ASN A 721 -20.64 17.05 -1.49
CA ASN A 721 -22.04 17.31 -1.75
C ASN A 721 -22.43 17.02 -3.19
N ASP A 722 -21.46 16.70 -4.04
CA ASP A 722 -21.68 16.34 -5.44
C ASP A 722 -21.49 14.84 -5.58
N TRP A 723 -22.50 14.15 -6.08
CA TRP A 723 -22.45 12.70 -6.17
C TRP A 723 -21.78 12.20 -7.44
N THR A 724 -21.37 13.09 -8.34
CA THR A 724 -20.67 12.68 -9.55
C THR A 724 -19.19 12.44 -9.33
N GLN A 725 -18.64 12.89 -8.20
CA GLN A 725 -17.21 12.75 -7.91
C GLN A 725 -16.97 12.09 -6.56
N VAL A 726 -17.85 11.17 -6.15
CA VAL A 726 -17.69 10.43 -4.91
C VAL A 726 -16.99 9.11 -5.25
N PRO A 727 -15.77 8.88 -4.75
CA PRO A 727 -15.04 7.66 -5.13
C PRO A 727 -15.51 6.45 -4.33
N PHE A 728 -16.22 5.55 -5.02
CA PHE A 728 -16.53 4.24 -4.48
C PHE A 728 -15.91 3.20 -5.41
N CYS A 729 -15.24 2.21 -4.83
CA CYS A 729 -14.44 1.25 -5.59
C CYS A 729 -13.40 1.96 -6.45
N SER A 730 -12.84 3.04 -5.91
CA SER A 730 -11.79 3.83 -6.56
C SER A 730 -12.24 4.41 -7.90
N HIS A 731 -13.54 4.70 -8.02
CA HIS A 731 -14.06 5.28 -9.25
C HIS A 731 -15.23 6.20 -8.90
N HIS A 732 -15.47 7.18 -9.78
CA HIS A 732 -16.56 8.13 -9.62
C HIS A 732 -17.53 8.01 -10.79
N PHE A 733 -18.82 8.16 -10.50
CA PHE A 733 -19.87 7.91 -11.48
C PHE A 733 -20.32 9.20 -12.15
N HIS A 734 -20.43 9.15 -13.48
CA HIS A 734 -21.01 10.22 -14.28
C HIS A 734 -22.39 9.78 -14.78
N GLU A 735 -23.30 10.74 -14.87
CA GLU A 735 -24.63 10.50 -15.41
C GLU A 735 -24.68 11.05 -16.84
N LEU A 736 -25.26 10.26 -17.76
CA LEU A 736 -25.34 10.63 -19.16
C LEU A 736 -26.78 10.54 -19.65
N ILE A 737 -27.12 11.44 -20.57
CA ILE A 737 -28.44 11.55 -21.17
C ILE A 737 -28.31 11.16 -22.64
N MET A 738 -29.03 10.13 -23.06
CA MET A 738 -28.99 9.67 -24.44
C MET A 738 -30.31 9.97 -25.14
N LYS A 739 -30.28 9.79 -26.47
CA LYS A 739 -31.37 10.22 -27.32
C LYS A 739 -32.64 9.42 -27.14
N ASP A 740 -32.56 8.22 -26.55
CA ASP A 740 -33.73 7.35 -26.44
C ASP A 740 -34.63 7.69 -25.26
N GLY A 741 -34.48 8.88 -24.66
CA GLY A 741 -35.35 9.27 -23.58
C GLY A 741 -35.12 8.57 -22.26
N ARG A 742 -33.92 8.03 -22.05
CA ARG A 742 -33.59 7.35 -20.81
C ARG A 742 -32.21 7.80 -20.33
N VAL A 743 -31.99 7.64 -19.03
CA VAL A 743 -30.77 8.12 -18.37
C VAL A 743 -29.90 6.91 -18.04
N LEU A 744 -28.58 7.11 -18.11
CA LEU A 744 -27.65 6.05 -17.77
C LEU A 744 -26.54 6.59 -16.87
N VAL A 745 -25.83 5.66 -16.25
CA VAL A 745 -24.72 5.98 -15.35
C VAL A 745 -23.50 5.18 -15.78
N VAL A 746 -22.31 5.78 -15.63
CA VAL A 746 -21.07 5.15 -16.07
C VAL A 746 -19.98 5.44 -15.06
N PRO A 747 -18.98 4.56 -14.99
CA PRO A 747 -17.80 4.84 -14.15
C PRO A 747 -16.83 5.76 -14.89
N CYS A 748 -15.92 6.35 -14.10
CA CYS A 748 -14.88 7.21 -14.66
C CYS A 748 -13.88 7.55 -13.57
N ARG A 749 -12.67 7.90 -13.99
CA ARG A 749 -11.61 8.40 -13.13
C ARG A 749 -10.61 9.13 -14.03
N ASN A 750 -9.45 9.45 -13.48
CA ASN A 750 -8.38 10.02 -14.30
C ASN A 750 -8.05 9.06 -15.44
N GLN A 751 -8.28 9.51 -16.68
CA GLN A 751 -8.12 8.63 -17.83
C GLN A 751 -6.68 8.16 -17.98
N ASP A 752 -5.71 8.98 -17.53
CA ASP A 752 -4.33 8.52 -17.51
C ASP A 752 -4.17 7.33 -16.58
N GLU A 753 -4.86 7.33 -15.44
CA GLU A 753 -4.81 6.19 -14.54
C GLU A 753 -5.40 4.95 -15.20
N LEU A 754 -6.53 5.10 -15.90
CA LEU A 754 -7.14 3.96 -16.59
C LEU A 754 -6.20 3.41 -17.65
N ILE A 755 -5.59 4.28 -18.45
CA ILE A 755 -4.69 3.83 -19.51
C ILE A 755 -3.49 3.12 -18.90
N GLY A 756 -2.89 3.71 -17.87
CA GLY A 756 -1.75 3.09 -17.22
C GLY A 756 -2.08 1.73 -16.64
N ARG A 757 -3.25 1.61 -16.01
CA ARG A 757 -3.68 0.30 -15.51
C ARG A 757 -3.84 -0.69 -16.66
N ALA A 758 -4.32 -0.20 -17.81
CA ALA A 758 -4.35 -1.03 -19.01
C ALA A 758 -2.96 -1.36 -19.53
N ARG A 759 -1.94 -0.60 -19.11
CA ARG A 759 -0.58 -0.79 -19.57
C ARG A 759 0.24 -1.70 -18.67
N ILE A 760 -0.37 -2.33 -17.66
CA ILE A 760 0.32 -3.22 -16.74
C ILE A 760 -0.08 -4.65 -17.06
N SER A 761 0.92 -5.52 -17.23
CA SER A 761 0.70 -6.96 -17.39
C SER A 761 1.23 -7.67 -16.16
N GLN A 762 0.42 -8.54 -15.58
CA GLN A 762 0.72 -9.21 -14.32
C GLN A 762 0.95 -10.70 -14.54
N GLY A 763 1.42 -11.36 -13.49
CA GLY A 763 1.62 -12.79 -13.49
C GLY A 763 3.09 -13.16 -13.52
N ALA A 764 3.33 -14.47 -13.65
CA ALA A 764 4.66 -15.03 -13.79
C ALA A 764 4.70 -15.85 -15.07
N GLY A 765 5.59 -15.47 -15.99
CA GLY A 765 5.59 -16.05 -17.32
C GLY A 765 4.57 -15.37 -18.19
N TRP A 766 4.85 -15.22 -19.48
CA TRP A 766 3.97 -14.42 -20.32
C TRP A 766 4.19 -14.79 -21.79
N SER A 767 3.36 -14.21 -22.64
CA SER A 767 3.40 -14.41 -24.09
C SER A 767 2.76 -13.21 -24.76
N LEU A 768 2.48 -13.32 -26.05
CA LEU A 768 1.88 -12.24 -26.82
C LEU A 768 0.37 -12.39 -26.99
N ARG A 769 -0.13 -13.62 -27.15
CA ARG A 769 -1.56 -13.82 -27.32
C ARG A 769 -2.33 -13.34 -26.10
N GLU A 770 -1.81 -13.64 -24.89
CA GLU A 770 -2.49 -13.16 -23.69
C GLU A 770 -2.42 -11.65 -23.58
N THR A 771 -1.35 -11.02 -24.08
CA THR A 771 -1.29 -9.57 -24.10
C THR A 771 -2.35 -8.98 -25.03
N ALA A 772 -2.51 -9.57 -26.22
CA ALA A 772 -3.57 -9.12 -27.13
C ALA A 772 -4.94 -9.34 -26.52
N CYS A 773 -5.12 -10.47 -25.81
CA CYS A 773 -6.38 -10.72 -25.11
C CYS A 773 -6.61 -9.69 -24.01
N LEU A 774 -5.55 -9.27 -23.32
CA LEU A 774 -5.67 -8.20 -22.34
C LEU A 774 -6.15 -6.92 -22.98
N GLY A 775 -5.56 -6.57 -24.13
CA GLY A 775 -5.98 -5.37 -24.83
C GLY A 775 -7.44 -5.43 -25.26
N LYS A 776 -7.84 -6.58 -25.81
CA LYS A 776 -9.24 -6.75 -26.22
C LYS A 776 -10.18 -6.67 -25.02
N SER A 777 -9.78 -7.27 -23.89
CA SER A 777 -10.63 -7.28 -22.71
C SER A 777 -10.75 -5.89 -22.10
N TYR A 778 -9.65 -5.13 -22.09
CA TYR A 778 -9.70 -3.74 -21.65
C TYR A 778 -10.62 -2.93 -22.56
N ALA A 779 -10.52 -3.14 -23.87
CA ALA A 779 -11.40 -2.42 -24.81
C ALA A 779 -12.86 -2.78 -24.59
N GLN A 780 -13.15 -4.06 -24.38
CA GLN A 780 -14.53 -4.49 -24.16
C GLN A 780 -15.09 -3.91 -22.87
N MET A 781 -14.31 -3.94 -21.78
CA MET A 781 -14.77 -3.34 -20.54
C MET A 781 -14.98 -1.84 -20.69
N TRP A 782 -14.10 -1.17 -21.42
CA TRP A 782 -14.27 0.26 -21.67
C TRP A 782 -15.56 0.53 -22.41
N SER A 783 -15.84 -0.27 -23.46
CA SER A 783 -17.05 -0.05 -24.25
C SER A 783 -18.30 -0.33 -23.45
N LEU A 784 -18.30 -1.39 -22.63
CA LEU A 784 -19.49 -1.76 -21.89
C LEU A 784 -19.69 -0.97 -20.61
N MET A 785 -18.67 -0.28 -20.11
CA MET A 785 -18.80 0.49 -18.88
C MET A 785 -18.54 1.98 -19.08
N TYR A 786 -17.44 2.34 -19.73
CA TYR A 786 -16.99 3.72 -19.84
C TYR A 786 -17.35 4.34 -21.19
N PHE A 787 -18.48 3.97 -21.76
CA PHE A 787 -18.83 4.39 -23.13
C PHE A 787 -19.16 5.87 -23.24
N HIS A 788 -18.93 6.68 -22.22
CA HIS A 788 -19.26 8.10 -22.24
C HIS A 788 -18.09 8.97 -22.67
N ARG A 789 -16.96 8.38 -23.06
CA ARG A 789 -15.75 9.14 -23.35
C ARG A 789 -15.39 9.04 -24.82
N ARG A 790 -14.64 10.04 -25.29
CA ARG A 790 -14.18 10.08 -26.67
C ARG A 790 -12.87 9.33 -26.86
N ASP A 791 -11.83 9.73 -26.10
CA ASP A 791 -10.53 9.08 -26.21
C ASP A 791 -10.61 7.61 -25.84
N LEU A 792 -11.31 7.30 -24.74
CA LEU A 792 -11.39 5.93 -24.27
C LEU A 792 -12.13 5.04 -25.28
N ARG A 793 -13.28 5.49 -25.77
CA ARG A 793 -14.02 4.68 -26.73
C ARG A 793 -13.29 4.56 -28.05
N LEU A 794 -12.59 5.63 -28.47
CA LEU A 794 -11.77 5.55 -29.68
C LEU A 794 -10.68 4.49 -29.52
N ALA A 795 -10.00 4.50 -28.37
CA ALA A 795 -8.97 3.50 -28.12
C ALA A 795 -9.56 2.09 -28.10
N ALA A 796 -10.73 1.93 -27.50
CA ALA A 796 -11.36 0.61 -27.42
C ALA A 796 -11.74 0.08 -28.80
N ASN A 797 -12.37 0.94 -29.61
CA ASN A 797 -12.77 0.53 -30.96
C ASN A 797 -11.59 0.39 -31.89
N ALA A 798 -10.44 0.98 -31.57
CA ALA A 798 -9.26 0.79 -32.39
C ALA A 798 -8.46 -0.45 -31.98
N ILE A 799 -8.42 -0.78 -30.69
CA ILE A 799 -7.77 -2.01 -30.25
C ILE A 799 -8.60 -3.21 -30.67
N CYS A 800 -9.92 -3.14 -30.52
CA CYS A 800 -10.78 -4.22 -31.02
C CYS A 800 -10.65 -4.38 -32.51
N SER A 801 -10.41 -3.28 -33.24
CA SER A 801 -10.17 -3.34 -34.67
C SER A 801 -8.77 -3.81 -35.02
N ALA A 802 -7.84 -3.80 -34.06
CA ALA A 802 -6.47 -4.22 -34.28
C ALA A 802 -6.24 -5.69 -33.93
N VAL A 803 -6.56 -6.07 -32.70
CA VAL A 803 -6.47 -7.48 -32.30
C VAL A 803 -7.50 -8.29 -33.07
N PRO A 804 -7.14 -9.45 -33.63
CA PRO A 804 -8.14 -10.31 -34.27
C PRO A 804 -9.23 -10.71 -33.29
N SER A 805 -10.45 -10.81 -33.80
CA SER A 805 -11.61 -11.09 -32.96
C SER A 805 -11.95 -12.58 -32.88
N HIS A 806 -11.14 -13.44 -33.49
CA HIS A 806 -11.37 -14.88 -33.41
C HIS A 806 -10.80 -15.50 -32.15
N TRP A 807 -10.16 -14.73 -31.29
CA TRP A 807 -9.55 -15.24 -30.06
C TRP A 807 -10.50 -14.96 -28.90
N VAL A 808 -10.86 -16.03 -28.17
CA VAL A 808 -11.77 -15.92 -27.03
C VAL A 808 -11.05 -15.23 -25.89
N PRO A 809 -11.57 -14.14 -25.35
CA PRO A 809 -10.90 -13.43 -24.26
C PRO A 809 -11.16 -14.09 -22.92
N THR A 810 -10.10 -14.62 -22.29
CA THR A 810 -10.17 -15.18 -20.94
C THR A 810 -8.85 -14.78 -20.26
N SER A 811 -8.89 -13.66 -19.56
CA SER A 811 -7.69 -13.09 -18.94
C SER A 811 -8.11 -12.36 -17.67
N ARG A 812 -7.23 -11.51 -17.16
CA ARG A 812 -7.48 -10.75 -15.95
C ARG A 812 -7.40 -9.26 -16.21
N THR A 813 -8.33 -8.50 -15.64
CA THR A 813 -8.35 -7.05 -15.74
C THR A 813 -7.96 -6.40 -14.42
N THR A 814 -8.73 -6.67 -13.36
CA THR A 814 -8.41 -6.20 -12.02
C THR A 814 -8.82 -7.29 -11.03
N TRP A 815 -8.88 -6.93 -9.76
CA TRP A 815 -9.24 -7.86 -8.69
C TRP A 815 -10.63 -7.62 -8.12
N SER A 816 -11.27 -6.49 -8.44
CA SER A 816 -12.55 -6.12 -7.85
C SER A 816 -13.68 -6.26 -8.86
N ILE A 817 -13.57 -7.26 -9.73
CA ILE A 817 -14.57 -7.51 -10.75
C ILE A 817 -15.23 -8.85 -10.50
N ALA A 819 -18.40 -8.34 -10.06
CA ALA A 819 -19.36 -9.33 -10.56
C ALA A 819 -19.73 -9.03 -12.01
N LYS A 820 -20.07 -10.09 -12.76
CA LYS A 820 -20.50 -9.98 -14.15
C LYS A 820 -19.44 -9.30 -15.02
N HIS A 821 -18.29 -9.98 -15.11
CA HIS A 821 -17.20 -9.54 -15.98
C HIS A 821 -17.62 -9.79 -17.42
N GLU A 822 -18.35 -8.84 -18.00
CA GLU A 822 -18.90 -8.98 -19.35
C GLU A 822 -17.83 -8.95 -20.43
N TRP A 823 -16.63 -8.45 -20.11
CA TRP A 823 -15.58 -8.17 -21.08
C TRP A 823 -14.65 -9.35 -21.32
N MET A 824 -15.14 -10.58 -21.12
CA MET A 824 -14.40 -11.79 -21.45
C MET A 824 -15.20 -12.68 -22.40
N THR A 825 -16.04 -12.07 -23.23
CA THR A 825 -16.91 -12.79 -24.14
C THR A 825 -16.55 -12.49 -25.59
N THR A 826 -16.65 -13.52 -26.43
CA THR A 826 -16.42 -13.39 -27.86
C THR A 826 -17.69 -12.99 -28.61
N GLU A 827 -18.81 -12.86 -27.91
CA GLU A 827 -20.07 -12.49 -28.53
C GLU A 827 -19.97 -11.12 -29.19
N ASP A 828 -20.98 -10.78 -29.98
CA ASP A 828 -21.06 -9.47 -30.59
C ASP A 828 -21.18 -8.40 -29.51
N MET A 829 -20.32 -7.39 -29.57
CA MET A 829 -20.31 -6.37 -28.52
C MET A 829 -21.62 -5.59 -28.49
N LEU A 830 -22.23 -5.35 -29.66
CA LEU A 830 -23.52 -4.68 -29.68
C LEU A 830 -24.58 -5.51 -28.96
N THR A 831 -24.56 -6.84 -29.16
CA THR A 831 -25.55 -7.70 -28.51
C THR A 831 -25.41 -7.67 -27.00
N VAL A 832 -24.17 -7.80 -26.50
CA VAL A 832 -23.97 -7.81 -25.05
C VAL A 832 -24.27 -6.42 -24.47
N TRP A 833 -23.95 -5.37 -25.21
CA TRP A 833 -24.29 -4.02 -24.76
C TRP A 833 -25.80 -3.86 -24.65
N ASN A 834 -26.53 -4.37 -25.64
CA ASN A 834 -27.99 -4.37 -25.60
C ASN A 834 -28.51 -5.10 -24.38
N ARG A 835 -27.95 -6.29 -24.11
CA ARG A 835 -28.46 -7.11 -23.03
C ARG A 835 -28.15 -6.53 -21.65
N VAL A 836 -26.98 -5.89 -21.50
CA VAL A 836 -26.58 -5.47 -20.16
C VAL A 836 -27.03 -4.05 -19.85
N TRP A 837 -27.03 -3.13 -20.83
CA TRP A 837 -27.28 -1.73 -20.53
C TRP A 837 -28.67 -1.26 -20.94
N ILE A 838 -29.54 -2.17 -21.39
CA ILE A 838 -30.93 -1.82 -21.64
C ILE A 838 -31.84 -2.79 -20.89
N GLN A 839 -31.61 -4.09 -21.07
CA GLN A 839 -32.46 -5.10 -20.45
C GLN A 839 -32.27 -5.16 -18.94
N GLU A 840 -31.04 -4.97 -18.46
CA GLU A 840 -30.71 -5.21 -17.05
C GLU A 840 -30.87 -3.97 -16.18
N ASN A 841 -31.75 -3.05 -16.57
CA ASN A 841 -32.11 -1.90 -15.72
C ASN A 841 -33.61 -1.98 -15.44
N PRO A 842 -34.01 -2.46 -14.27
CA PRO A 842 -35.46 -2.61 -14.00
C PRO A 842 -36.23 -1.31 -14.05
N TRP A 843 -35.57 -0.16 -13.87
CA TRP A 843 -36.25 1.12 -13.96
C TRP A 843 -36.68 1.48 -15.38
N MET A 844 -36.12 0.81 -16.39
CA MET A 844 -36.43 1.10 -17.78
C MET A 844 -37.61 0.26 -18.24
N GLU A 845 -38.60 0.91 -18.86
CA GLU A 845 -39.78 0.22 -19.35
C GLU A 845 -39.90 0.24 -20.88
N ASP A 846 -39.12 1.09 -21.56
CA ASP A 846 -39.14 1.18 -23.02
C ASP A 846 -37.79 0.65 -23.52
N LYS A 847 -37.73 -0.65 -23.78
CA LYS A 847 -36.51 -1.30 -24.27
C LYS A 847 -36.37 -0.99 -25.75
N THR A 848 -35.44 -0.11 -26.10
CA THR A 848 -35.23 0.31 -27.48
C THR A 848 -33.90 -0.23 -27.99
N PRO A 849 -33.90 -1.31 -28.76
CA PRO A 849 -32.64 -1.84 -29.28
C PRO A 849 -32.01 -0.89 -30.29
N VAL A 850 -30.68 -0.94 -30.36
CA VAL A 850 -29.92 -0.14 -31.31
C VAL A 850 -29.13 -1.07 -32.21
N GLU A 851 -29.19 -0.83 -33.52
CA GLU A 851 -28.48 -1.62 -34.51
C GLU A 851 -27.30 -0.87 -35.10
N SER A 852 -26.93 0.26 -34.52
CA SER A 852 -25.77 1.03 -34.96
C SER A 852 -25.23 1.81 -33.78
N TRP A 853 -23.98 2.24 -33.88
CA TRP A 853 -23.28 2.86 -32.77
C TRP A 853 -23.30 4.39 -32.85
N GLU A 854 -24.03 4.97 -33.80
CA GLU A 854 -24.17 6.42 -33.86
C GLU A 854 -25.03 6.95 -32.71
N GLU A 855 -25.84 6.09 -32.08
CA GLU A 855 -26.76 6.55 -31.05
C GLU A 855 -26.07 6.83 -29.72
N ILE A 856 -25.04 6.09 -29.38
CA ILE A 856 -24.41 6.20 -28.07
C ILE A 856 -23.68 7.53 -27.94
N PRO A 857 -24.04 8.38 -26.98
CA PRO A 857 -23.41 9.70 -26.87
C PRO A 857 -22.19 9.74 -25.98
N TYR A 858 -21.61 10.92 -25.82
CA TYR A 858 -20.53 11.18 -24.87
C TYR A 858 -20.96 12.32 -23.94
N LEU A 859 -20.03 12.73 -23.09
CA LEU A 859 -20.24 13.92 -22.26
C LEU A 859 -19.77 15.17 -22.99
N GLY A 860 -20.09 16.32 -22.41
CA GLY A 860 -19.66 17.58 -22.98
C GLY A 860 -18.17 17.78 -22.83
N LYS A 861 -17.68 18.88 -23.42
CA LYS A 861 -16.25 19.17 -23.39
C LYS A 861 -15.78 19.50 -21.98
N ARG A 862 -16.61 20.21 -21.21
CA ARG A 862 -16.19 20.67 -19.89
C ARG A 862 -15.91 19.51 -18.95
N GLU A 863 -16.85 18.56 -18.85
CA GLU A 863 -16.63 17.41 -17.97
C GLU A 863 -15.53 16.51 -18.50
N ASP A 864 -15.42 16.38 -19.82
CA ASP A 864 -14.38 15.55 -20.40
C ASP A 864 -12.99 16.07 -20.03
N GLN A 865 -12.79 17.38 -20.14
CA GLN A 865 -11.52 17.97 -19.72
C GLN A 865 -11.39 18.01 -18.20
N TRP A 866 -12.50 18.03 -17.48
CA TRP A 866 -12.47 18.02 -16.02
C TRP A 866 -11.89 16.71 -15.50
N CYS A 867 -12.41 15.59 -16.01
CA CYS A 867 -11.92 14.28 -15.62
C CYS A 867 -10.65 13.87 -16.36
N GLY A 868 -10.02 14.79 -17.06
CA GLY A 868 -8.79 14.52 -17.79
C GLY A 868 -9.04 14.03 -19.20
N SER A 869 -8.54 14.77 -20.18
CA SER A 869 -8.69 14.42 -21.58
C SER A 869 -7.67 15.21 -22.39
N LEU A 870 -7.79 15.14 -23.71
CA LEU A 870 -6.91 15.87 -24.60
C LEU A 870 -7.65 16.74 -25.62
N ILE A 871 -8.98 16.76 -25.57
CA ILE A 871 -9.74 17.61 -26.49
C ILE A 871 -9.39 19.07 -26.25
N GLY A 872 -9.40 19.86 -27.33
CA GLY A 872 -8.91 21.21 -27.27
C GLY A 872 -7.41 21.35 -27.45
N LEU A 873 -6.73 20.26 -27.80
CA LEU A 873 -5.30 20.27 -28.04
C LEU A 873 -5.00 19.54 -29.34
N THR A 874 -3.89 19.92 -29.98
CA THR A 874 -3.55 19.34 -31.28
C THR A 874 -3.22 17.86 -31.19
N SER A 875 -2.87 17.36 -30.01
CA SER A 875 -2.57 15.94 -29.86
C SER A 875 -3.81 15.08 -30.10
N ARG A 876 -4.93 15.47 -29.49
CA ARG A 876 -6.18 14.73 -29.70
C ARG A 876 -6.63 14.82 -31.15
N ALA A 877 -6.46 15.98 -31.76
CA ALA A 877 -6.81 16.13 -33.17
C ALA A 877 -5.96 15.22 -34.05
N THR A 878 -4.66 15.15 -33.77
CA THR A 878 -3.78 14.27 -34.53
C THR A 878 -4.17 12.81 -34.34
N TRP A 879 -4.52 12.43 -33.11
CA TRP A 879 -4.91 11.04 -32.86
C TRP A 879 -6.21 10.69 -33.54
N ALA A 880 -7.18 11.61 -33.55
CA ALA A 880 -8.44 11.37 -34.23
C ALA A 880 -8.25 11.31 -35.74
N LYS A 881 -7.41 12.18 -36.29
CA LYS A 881 -7.14 12.18 -37.72
C LYS A 881 -6.42 10.89 -38.14
N ASN A 882 -5.45 10.45 -37.34
CA ASN A 882 -4.62 9.29 -37.68
C ASN A 882 -5.17 7.98 -37.12
N ILE A 883 -6.49 7.87 -36.97
CA ILE A 883 -7.07 6.62 -36.48
C ILE A 883 -6.89 5.51 -37.52
N GLN A 884 -7.01 5.86 -38.80
CA GLN A 884 -6.77 4.87 -39.85
C GLN A 884 -5.35 4.34 -39.81
N THR A 885 -4.37 5.25 -39.73
CA THR A 885 -2.96 4.84 -39.73
C THR A 885 -2.63 4.00 -38.50
N ALA A 886 -3.10 4.43 -37.33
CA ALA A 886 -2.83 3.66 -36.10
C ALA A 886 -3.49 2.29 -36.16
N ILE A 887 -4.76 2.23 -36.61
CA ILE A 887 -5.45 0.95 -36.70
C ILE A 887 -4.71 0.00 -37.64
N ASN A 888 -4.32 0.50 -38.82
CA ASN A 888 -3.64 -0.36 -39.78
C ASN A 888 -2.28 -0.81 -39.27
N GLN A 889 -1.52 0.10 -38.62
CA GLN A 889 -0.20 -0.28 -38.16
C GLN A 889 -0.27 -1.30 -37.03
N VAL A 890 -1.21 -1.14 -36.10
CA VAL A 890 -1.32 -2.14 -35.04
C VAL A 890 -1.88 -3.46 -35.58
N ARG A 891 -2.76 -3.39 -36.60
CA ARG A 891 -3.22 -4.60 -37.25
C ARG A 891 -2.07 -5.37 -37.89
N SER A 892 -1.16 -4.65 -38.55
CA SER A 892 0.01 -5.30 -39.14
C SER A 892 0.93 -5.84 -38.06
N LEU A 893 1.08 -5.11 -36.95
CA LEU A 893 2.01 -5.53 -35.91
C LEU A 893 1.52 -6.77 -35.16
N ILE A 894 0.21 -6.89 -34.96
CA ILE A 894 -0.32 -7.99 -34.15
C ILE A 894 -0.60 -9.22 -35.01
N GLY A 895 -1.51 -9.08 -35.96
CA GLY A 895 -1.87 -10.22 -36.80
C GLY A 895 -3.04 -9.87 -37.71
N ASN A 896 -3.27 -10.76 -38.67
CA ASN A 896 -4.29 -10.58 -39.69
C ASN A 896 -5.25 -11.75 -39.67
N GLU A 897 -6.46 -11.53 -39.14
CA GLU A 897 -7.55 -12.50 -39.20
C GLU A 897 -8.82 -11.75 -39.60
N GLU A 898 -9.92 -12.50 -39.70
CA GLU A 898 -11.20 -11.89 -40.06
C GLU A 898 -11.69 -11.01 -38.92
N TYR A 899 -11.68 -9.70 -39.15
CA TYR A 899 -11.99 -8.72 -38.12
C TYR A 899 -13.50 -8.54 -37.99
N THR A 900 -13.92 -8.01 -36.85
CA THR A 900 -15.32 -7.69 -36.57
C THR A 900 -15.42 -6.20 -36.29
N ASP A 901 -16.16 -5.49 -37.14
CA ASP A 901 -16.33 -4.05 -36.98
C ASP A 901 -17.36 -3.77 -35.90
N TYR A 902 -17.05 -2.78 -35.05
CA TYR A 902 -17.95 -2.37 -33.99
C TYR A 902 -18.33 -0.90 -34.04
N MET A 903 -17.55 -0.06 -34.71
CA MET A 903 -17.85 1.35 -34.91
C MET A 903 -17.17 1.81 -36.18
N PRO A 904 -17.81 2.70 -36.95
CA PRO A 904 -17.10 3.32 -38.06
C PRO A 904 -15.98 4.21 -37.55
N SER A 905 -14.89 4.27 -38.31
CA SER A 905 -13.71 5.02 -37.87
C SER A 905 -14.02 6.51 -37.77
N MET A 906 -14.74 7.05 -38.74
CA MET A 906 -15.11 8.47 -38.72
C MET A 906 -16.63 8.63 -38.59
#